data_2C66
#
_entry.id   2C66
#
_cell.length_a   132.484
_cell.length_b   223.219
_cell.length_c   86.273
_cell.angle_alpha   90.00
_cell.angle_beta   90.00
_cell.angle_gamma   90.00
#
_symmetry.space_group_name_H-M   'C 2 2 2'
#
loop_
_entity.id
_entity.type
_entity.pdbx_description
1 polymer 'AMINE OXIDASE (FLAVIN-CONTAINING) B'
2 non-polymer 'FLAVIN-ADENINE DINUCLEOTIDE'
3 non-polymer 4-HYDROXY-N-PROPARGYL-1(R)-AMINOINDAN
4 water water
#
_entity_poly.entity_id   1
_entity_poly.type   'polypeptide(L)'
_entity_poly.pdbx_seq_one_letter_code
;MSNKCDVVVVGGGISGMAAAKLLHDSGLNVVVLEARDRVGGRTYTLRNQKVKYVDLGGSYVGPTQNRILRLAKELGLETY
KVNEVERLIHHVKGKSYPFRGPFPPVWNPITYLDHNNFWRTMDDMGREIPSDAPWKAPLAEEWDNMTMKELLDKLCWTES
AKQLATLFVNLCVTAETHEVSALWFLWYVKQCGGTTRIISTTNGGQERKFVGGSGQVSERIMDLLGDRVKLERPVIYIDQ
TRENVLVETLNHEMYEAKYVISAIPPTLGMKIHFNPPLPMMRNQMITRVPLGSVIKCIVYYKEPFWRKKDYCGTMIIDGE
EAPVAYTLDDTKPEGNYAAIMGFILAHKARKLARLTKEERLKKLCELYAKVLGSLEALEPVHYEEKNWCEEQYSGGCYTT
YFPPGILTQYGRVLRQPVDRIYFAGTETATHWSGYMEGAVEAGERAAREILHAMGKIPEDEIWQSEPESVDVPAQPITTT
FLERHLPSVPGLLRLIGLTTIFSATALGFLAHKRGLLVRV
;
_entity_poly.pdbx_strand_id   A,B
#
# COMPACT_ATOMS: atom_id res chain seq x y z
N ASN A 3 27.61 22.04 2.13
CA ASN A 3 26.88 22.83 3.19
C ASN A 3 25.74 23.76 2.67
N LYS A 4 26.03 25.02 2.28
CA LYS A 4 24.94 26.02 2.09
C LYS A 4 24.53 26.30 0.66
N CYS A 5 23.22 26.53 0.46
CA CYS A 5 22.62 26.81 -0.87
C CYS A 5 21.17 27.30 -0.74
N ASP A 6 20.57 27.68 -1.87
CA ASP A 6 19.19 28.12 -1.90
C ASP A 6 18.17 26.97 -1.84
N VAL A 7 18.36 25.96 -2.71
CA VAL A 7 17.51 24.77 -2.74
C VAL A 7 18.26 23.43 -2.84
N VAL A 8 17.94 22.53 -1.92
CA VAL A 8 18.37 21.14 -2.04
C VAL A 8 17.26 20.40 -2.81
N VAL A 9 17.65 19.66 -3.82
CA VAL A 9 16.76 18.78 -4.56
C VAL A 9 17.17 17.36 -4.26
N VAL A 10 16.27 16.60 -3.65
CA VAL A 10 16.47 15.21 -3.31
C VAL A 10 16.05 14.34 -4.48
N GLY A 11 17.03 13.68 -5.11
CA GLY A 11 16.81 12.73 -6.18
C GLY A 11 17.27 13.35 -7.49
N GLY A 12 18.12 12.66 -8.26
CA GLY A 12 18.58 13.14 -9.54
C GLY A 12 18.05 12.28 -10.68
N GLY A 13 16.72 12.12 -10.73
CA GLY A 13 16.03 11.49 -11.83
C GLY A 13 15.68 12.68 -12.73
N ILE A 14 14.91 12.42 -13.80
CA ILE A 14 14.53 13.47 -14.70
C ILE A 14 13.78 14.59 -13.99
N SER A 15 12.88 14.23 -13.07
CA SER A 15 12.16 15.25 -12.29
C SER A 15 13.10 16.21 -11.49
N GLY A 16 13.89 15.62 -10.57
CA GLY A 16 14.95 16.33 -9.85
C GLY A 16 15.82 17.19 -10.75
N MET A 17 16.38 16.56 -11.80
CA MET A 17 17.34 17.21 -12.70
C MET A 17 16.72 18.39 -13.43
N ALA A 18 15.51 18.24 -13.94
CA ALA A 18 14.77 19.35 -14.54
C ALA A 18 14.48 20.52 -13.56
N ALA A 19 14.09 20.20 -12.32
CA ALA A 19 13.90 21.22 -11.27
C ALA A 19 15.22 21.96 -11.02
N ALA A 20 16.32 21.23 -10.92
CA ALA A 20 17.58 21.89 -10.69
C ALA A 20 18.01 22.77 -11.91
N LYS A 21 17.87 22.26 -13.13
CA LYS A 21 18.25 23.05 -14.28
C LYS A 21 17.50 24.40 -14.32
N LEU A 22 16.19 24.35 -14.11
CA LEU A 22 15.38 25.56 -14.07
C LEU A 22 15.77 26.53 -12.96
N LEU A 23 15.98 26.01 -11.74
CA LEU A 23 16.35 26.84 -10.59
C LEU A 23 17.74 27.48 -10.83
N HIS A 24 18.67 26.68 -11.38
CA HIS A 24 20.04 27.09 -11.70
C HIS A 24 20.00 28.12 -12.83
N ASP A 25 19.08 27.94 -13.78
CA ASP A 25 18.95 28.88 -14.92
C ASP A 25 18.45 30.24 -14.47
N SER A 26 17.82 30.27 -13.31
CA SER A 26 17.26 31.47 -12.73
C SER A 26 18.28 32.23 -11.88
N GLY A 27 19.47 31.67 -11.66
CA GLY A 27 20.40 32.31 -10.74
C GLY A 27 20.59 31.73 -9.33
N LEU A 28 19.73 30.80 -8.89
CA LEU A 28 19.87 30.18 -7.56
C LEU A 28 20.95 29.12 -7.41
N ASN A 29 21.46 28.94 -6.19
CA ASN A 29 22.39 27.85 -5.83
C ASN A 29 21.68 26.57 -5.47
N VAL A 30 21.86 25.57 -6.30
CA VAL A 30 21.16 24.32 -6.11
C VAL A 30 22.12 23.19 -5.91
N VAL A 31 21.73 22.29 -5.02
CA VAL A 31 22.44 21.05 -4.77
C VAL A 31 21.44 19.99 -5.10
N VAL A 32 21.88 19.02 -5.90
CA VAL A 32 21.17 17.75 -6.11
C VAL A 32 21.78 16.62 -5.30
N LEU A 33 20.95 15.97 -4.47
CA LEU A 33 21.44 14.88 -3.63
C LEU A 33 20.86 13.57 -4.15
N GLU A 34 21.74 12.70 -4.64
CA GLU A 34 21.33 11.46 -5.33
C GLU A 34 21.82 10.26 -4.57
N ALA A 35 20.91 9.32 -4.29
CA ALA A 35 21.21 8.13 -3.47
C ALA A 35 22.20 7.21 -4.15
N ARG A 36 22.06 7.08 -5.46
CA ARG A 36 22.82 6.15 -6.25
C ARG A 36 24.17 6.71 -6.76
N ASP A 37 24.97 5.83 -7.36
CA ASP A 37 26.26 6.20 -7.90
C ASP A 37 26.09 6.69 -9.33
N ARG A 38 24.84 7.03 -9.69
CA ARG A 38 24.48 7.55 -11.02
C ARG A 38 23.21 8.43 -10.99
N VAL A 39 23.00 9.18 -12.08
CA VAL A 39 21.73 9.85 -12.29
C VAL A 39 20.80 9.06 -13.25
N GLY A 40 19.50 9.42 -13.29
CA GLY A 40 18.61 8.87 -14.30
C GLY A 40 17.42 8.23 -13.65
N GLY A 41 17.65 7.67 -12.46
CA GLY A 41 16.63 7.04 -11.66
C GLY A 41 15.99 5.89 -12.35
N ARG A 42 14.70 6.03 -12.65
CA ARG A 42 13.96 4.98 -13.39
C ARG A 42 14.26 4.98 -14.89
N THR A 43 15.17 5.84 -15.34
CA THR A 43 15.74 5.66 -16.69
C THR A 43 17.17 5.23 -16.52
N TYR A 44 17.63 4.32 -17.36
CA TYR A 44 19.01 3.83 -17.28
C TYR A 44 19.45 3.38 -18.65
N THR A 45 20.51 3.96 -19.15
CA THR A 45 21.08 3.47 -20.41
C THR A 45 22.38 2.74 -20.16
N LEU A 46 22.36 1.43 -20.43
CA LEU A 46 23.55 0.59 -20.48
C LEU A 46 24.28 0.69 -21.83
N ARG A 47 25.59 0.86 -21.77
CA ARG A 47 26.47 0.85 -22.96
C ARG A 47 27.51 -0.27 -22.85
N ASN A 48 27.53 -1.18 -23.81
CA ASN A 48 28.63 -2.15 -23.96
C ASN A 48 28.77 -2.39 -25.47
N GLN A 49 29.69 -3.23 -25.91
CA GLN A 49 29.96 -3.29 -27.32
C GLN A 49 28.92 -4.14 -28.07
N LYS A 50 28.18 -4.97 -27.33
CA LYS A 50 27.21 -5.90 -27.89
C LYS A 50 25.92 -5.22 -28.29
N VAL A 51 25.46 -4.29 -27.46
CA VAL A 51 24.19 -3.56 -27.63
C VAL A 51 24.39 -2.12 -28.17
N LYS A 52 25.65 -1.68 -28.22
CA LYS A 52 26.05 -0.25 -28.32
C LYS A 52 25.45 0.63 -27.20
N TYR A 53 24.13 0.75 -27.16
CA TYR A 53 23.41 1.33 -26.01
C TYR A 53 22.02 0.70 -25.94
N VAL A 54 21.37 0.81 -24.79
CA VAL A 54 20.02 0.29 -24.60
C VAL A 54 19.39 0.84 -23.34
N ASP A 55 18.19 1.37 -23.46
CA ASP A 55 17.39 1.76 -22.29
C ASP A 55 16.88 0.50 -21.63
N LEU A 56 17.23 0.33 -20.35
CA LEU A 56 16.67 -0.74 -19.50
C LEU A 56 15.53 -0.24 -18.57
N GLY A 57 15.19 1.06 -18.67
CA GLY A 57 14.09 1.67 -17.95
C GLY A 57 13.20 2.53 -18.83
N GLY A 58 12.79 3.71 -18.36
CA GLY A 58 11.99 4.59 -19.23
C GLY A 58 12.65 4.78 -20.62
N SER A 59 11.87 4.79 -21.71
CA SER A 59 12.41 4.75 -23.08
C SER A 59 11.64 5.55 -24.16
N TYR A 60 10.31 5.37 -24.18
CA TYR A 60 9.46 5.84 -25.25
C TYR A 60 9.00 7.22 -24.95
N VAL A 61 8.91 8.01 -26.03
CA VAL A 61 8.35 9.34 -26.01
C VAL A 61 7.48 9.44 -27.27
N GLY A 62 6.43 10.27 -27.22
CA GLY A 62 5.63 10.51 -28.41
C GLY A 62 4.95 11.85 -28.43
N PRO A 63 4.10 12.06 -29.44
CA PRO A 63 3.37 13.31 -29.56
C PRO A 63 2.50 13.61 -28.34
N THR A 64 2.30 14.92 -28.08
CA THR A 64 1.70 15.48 -26.84
C THR A 64 2.60 15.50 -25.59
N GLN A 65 3.75 14.87 -25.64
CA GLN A 65 4.73 14.95 -24.55
C GLN A 65 5.76 16.06 -24.89
N ASN A 66 5.34 17.33 -24.84
CA ASN A 66 6.18 18.38 -25.42
C ASN A 66 7.31 18.88 -24.50
N ARG A 67 7.11 18.70 -23.19
CA ARG A 67 8.12 19.13 -22.22
C ARG A 67 9.41 18.29 -22.34
N ILE A 68 9.28 16.96 -22.35
CA ILE A 68 10.45 16.09 -22.47
C ILE A 68 11.13 16.27 -23.85
N LEU A 69 10.29 16.36 -24.89
CA LEU A 69 10.76 16.66 -26.23
C LEU A 69 11.63 17.93 -26.29
N ARG A 70 11.20 18.98 -25.60
CA ARG A 70 11.88 20.26 -25.65
C ARG A 70 13.16 20.24 -24.76
N LEU A 71 13.02 19.63 -23.56
CA LEU A 71 14.18 19.54 -22.67
C LEU A 71 15.25 18.77 -23.39
N ALA A 72 14.89 17.62 -23.92
CA ALA A 72 15.86 16.79 -24.59
C ALA A 72 16.46 17.51 -25.83
N LYS A 73 15.62 18.21 -26.61
CA LYS A 73 16.12 18.96 -27.77
C LYS A 73 17.10 20.03 -27.31
N GLU A 74 16.80 20.72 -26.23
CA GLU A 74 17.73 21.75 -25.73
C GLU A 74 19.07 21.13 -25.33
N LEU A 75 19.03 19.93 -24.74
CA LEU A 75 20.26 19.20 -24.44
C LEU A 75 20.95 18.53 -25.66
N GLY A 76 20.51 18.75 -26.89
CA GLY A 76 21.19 18.16 -28.05
C GLY A 76 20.82 16.74 -28.54
N LEU A 77 19.70 16.19 -28.03
CA LEU A 77 19.28 14.83 -28.34
C LEU A 77 18.33 14.78 -29.54
N GLU A 78 18.39 13.67 -30.28
CA GLU A 78 17.41 13.41 -31.32
C GLU A 78 16.57 12.17 -31.05
N THR A 79 15.39 12.10 -31.68
CA THR A 79 14.52 10.94 -31.68
C THR A 79 14.52 10.25 -33.03
N TYR A 80 14.28 8.96 -32.97
CA TYR A 80 13.91 8.19 -34.13
C TYR A 80 12.58 7.49 -33.87
N LYS A 81 11.93 7.07 -34.97
CA LYS A 81 10.63 6.41 -34.94
C LYS A 81 10.78 4.92 -34.62
N VAL A 82 9.99 4.42 -33.66
CA VAL A 82 9.90 2.97 -33.44
C VAL A 82 9.33 2.26 -34.69
N ASN A 83 9.92 1.14 -35.07
CA ASN A 83 9.47 0.44 -36.27
C ASN A 83 8.05 -0.11 -36.19
N GLU A 84 7.18 0.44 -37.05
CA GLU A 84 5.81 -0.03 -37.23
C GLU A 84 5.45 -0.15 -38.73
N VAL A 85 6.42 -0.40 -39.59
CA VAL A 85 6.14 -0.50 -41.00
C VAL A 85 5.34 -1.78 -41.37
N GLU A 86 5.70 -2.93 -40.82
CA GLU A 86 5.02 -4.16 -41.20
C GLU A 86 3.83 -4.50 -40.26
N ARG A 87 3.31 -5.73 -40.31
CA ARG A 87 2.09 -6.05 -39.53
C ARG A 87 2.36 -6.29 -38.06
N LEU A 88 1.49 -5.75 -37.20
CA LEU A 88 1.45 -6.16 -35.78
C LEU A 88 0.88 -7.57 -35.70
N ILE A 89 0.97 -8.19 -34.53
CA ILE A 89 0.48 -9.55 -34.33
C ILE A 89 -0.35 -9.65 -33.05
N HIS A 90 -1.56 -10.16 -33.18
CA HIS A 90 -2.34 -10.54 -32.02
C HIS A 90 -2.30 -12.04 -31.87
N HIS A 91 -1.59 -12.50 -30.85
CA HIS A 91 -1.55 -13.92 -30.56
C HIS A 91 -2.60 -14.25 -29.48
N VAL A 92 -3.53 -15.13 -29.84
CA VAL A 92 -4.65 -15.44 -28.94
C VAL A 92 -5.09 -16.91 -29.06
N LYS A 93 -5.18 -17.58 -27.89
CA LYS A 93 -5.42 -19.04 -27.76
C LYS A 93 -4.45 -19.89 -28.61
N GLY A 94 -3.17 -19.56 -28.49
CA GLY A 94 -2.08 -20.25 -29.15
C GLY A 94 -1.98 -20.10 -30.64
N LYS A 95 -2.48 -19.01 -31.22
CA LYS A 95 -2.56 -18.85 -32.69
C LYS A 95 -2.28 -17.38 -32.98
N SER A 96 -1.60 -17.06 -34.08
CA SER A 96 -1.24 -15.66 -34.36
C SER A 96 -2.05 -15.03 -35.49
N TYR A 97 -2.62 -13.84 -35.21
CA TYR A 97 -3.45 -13.13 -36.16
C TYR A 97 -2.82 -11.80 -36.53
N PRO A 98 -2.05 -11.73 -37.62
CA PRO A 98 -1.46 -10.47 -38.08
C PRO A 98 -2.49 -9.41 -38.47
N PHE A 99 -2.16 -8.15 -38.31
CA PHE A 99 -3.09 -7.05 -38.62
C PHE A 99 -2.33 -5.74 -38.78
N ARG A 100 -2.91 -4.77 -39.48
CA ARG A 100 -2.32 -3.41 -39.52
C ARG A 100 -3.26 -2.45 -38.84
N GLY A 101 -2.84 -1.18 -38.74
CA GLY A 101 -3.67 -0.21 -38.05
C GLY A 101 -3.39 -0.45 -36.59
N PRO A 102 -3.75 0.51 -35.75
CA PRO A 102 -3.40 0.42 -34.33
C PRO A 102 -4.11 -0.72 -33.53
N PHE A 103 -5.30 -1.15 -33.94
CA PHE A 103 -6.04 -2.10 -33.10
C PHE A 103 -6.26 -3.43 -33.76
N PRO A 104 -6.16 -4.50 -32.96
CA PRO A 104 -6.45 -5.84 -33.47
C PRO A 104 -7.94 -5.85 -33.81
N PRO A 105 -8.30 -6.32 -35.01
CA PRO A 105 -9.70 -6.38 -35.44
C PRO A 105 -10.51 -7.48 -34.73
N VAL A 106 -11.82 -7.28 -34.72
CA VAL A 106 -12.72 -8.18 -34.01
C VAL A 106 -13.83 -8.52 -34.98
N TRP A 107 -14.05 -9.82 -35.17
CA TRP A 107 -14.92 -10.30 -36.23
C TRP A 107 -16.35 -10.63 -35.79
N ASN A 108 -16.49 -11.53 -34.80
CA ASN A 108 -17.79 -11.83 -34.17
C ASN A 108 -18.51 -10.53 -33.77
N PRO A 109 -19.71 -10.31 -34.26
CA PRO A 109 -20.34 -9.00 -34.07
C PRO A 109 -20.81 -8.73 -32.66
N ILE A 110 -21.14 -9.75 -31.85
CA ILE A 110 -21.45 -9.53 -30.43
C ILE A 110 -20.18 -9.04 -29.75
N THR A 111 -19.08 -9.76 -30.02
CA THR A 111 -17.74 -9.44 -29.55
C THR A 111 -17.35 -8.01 -29.96
N TYR A 112 -17.64 -7.64 -31.20
CA TYR A 112 -17.28 -6.32 -31.72
C TYR A 112 -17.99 -5.22 -30.97
N LEU A 113 -19.26 -5.45 -30.65
CA LEU A 113 -19.99 -4.49 -29.84
C LEU A 113 -19.41 -4.37 -28.44
N ASP A 114 -19.08 -5.49 -27.79
CA ASP A 114 -18.47 -5.48 -26.47
C ASP A 114 -17.15 -4.70 -26.46
N HIS A 115 -16.23 -5.05 -27.37
CA HIS A 115 -14.92 -4.40 -27.54
C HIS A 115 -15.06 -2.88 -27.80
N ASN A 116 -15.88 -2.51 -28.76
CA ASN A 116 -16.04 -1.10 -29.06
C ASN A 116 -16.58 -0.31 -27.86
N ASN A 117 -17.53 -0.91 -27.15
CA ASN A 117 -18.13 -0.31 -25.97
C ASN A 117 -17.24 -0.18 -24.74
N PHE A 118 -16.34 -1.13 -24.52
CA PHE A 118 -15.40 -1.04 -23.40
C PHE A 118 -14.40 0.17 -23.58
N TRP A 119 -13.69 0.23 -24.70
CA TRP A 119 -12.75 1.31 -25.01
C TRP A 119 -13.42 2.70 -24.96
N ARG A 120 -14.68 2.72 -25.40
CA ARG A 120 -15.47 3.92 -25.45
C ARG A 120 -15.86 4.33 -24.03
N THR A 121 -16.28 3.38 -23.19
CA THR A 121 -16.66 3.69 -21.82
C THR A 121 -15.47 4.19 -20.98
N MET A 122 -14.31 3.56 -21.12
CA MET A 122 -13.06 4.09 -20.57
C MET A 122 -12.87 5.59 -20.87
N ASP A 123 -13.02 5.98 -22.12
CA ASP A 123 -12.87 7.36 -22.45
C ASP A 123 -14.05 8.20 -21.93
N ASP A 124 -15.26 7.65 -21.95
CA ASP A 124 -16.45 8.35 -21.46
C ASP A 124 -16.29 8.64 -19.98
N MET A 125 -15.85 7.63 -19.25
CA MET A 125 -15.64 7.77 -17.83
C MET A 125 -14.54 8.76 -17.53
N GLY A 126 -13.45 8.74 -18.30
CA GLY A 126 -12.38 9.70 -18.15
C GLY A 126 -12.78 11.17 -18.32
N ARG A 127 -13.78 11.42 -19.14
CA ARG A 127 -14.13 12.83 -19.40
C ARG A 127 -14.75 13.48 -18.18
N GLU A 128 -15.08 12.69 -17.16
CA GLU A 128 -15.72 13.18 -15.96
C GLU A 128 -14.68 13.38 -14.83
N ILE A 129 -13.44 13.01 -15.08
CA ILE A 129 -12.39 13.04 -14.10
C ILE A 129 -11.41 14.14 -14.44
N PRO A 130 -11.39 15.19 -13.62
CA PRO A 130 -10.44 16.31 -13.83
C PRO A 130 -8.99 15.90 -13.62
N SER A 131 -8.14 16.13 -14.63
CA SER A 131 -6.68 15.84 -14.58
C SER A 131 -5.93 16.29 -13.31
N ASP A 132 -6.21 17.49 -12.86
CA ASP A 132 -5.52 18.06 -11.73
C ASP A 132 -6.23 17.70 -10.40
N ALA A 133 -7.35 17.00 -10.44
CA ALA A 133 -8.05 16.64 -9.21
C ALA A 133 -9.01 15.49 -9.38
N PRO A 134 -8.48 14.29 -9.61
CA PRO A 134 -9.33 13.12 -9.87
C PRO A 134 -10.36 12.85 -8.76
N TRP A 135 -10.06 13.16 -7.50
CA TRP A 135 -11.04 12.97 -6.39
C TRP A 135 -12.24 13.91 -6.53
N LYS A 136 -12.23 14.78 -7.54
CA LYS A 136 -13.38 15.67 -7.76
C LYS A 136 -14.36 15.18 -8.82
N ALA A 137 -14.03 14.07 -9.50
CA ALA A 137 -14.97 13.39 -10.39
C ALA A 137 -16.30 13.24 -9.64
N PRO A 138 -17.44 13.43 -10.33
CA PRO A 138 -18.75 13.30 -9.68
C PRO A 138 -18.99 11.98 -8.91
N LEU A 139 -18.55 10.85 -9.48
CA LEU A 139 -18.69 9.52 -8.89
C LEU A 139 -17.35 9.00 -8.31
N ALA A 140 -16.47 9.93 -7.90
CA ALA A 140 -15.16 9.61 -7.37
C ALA A 140 -15.21 8.46 -6.34
N GLU A 141 -16.06 8.54 -5.32
CA GLU A 141 -16.10 7.50 -4.28
C GLU A 141 -16.46 6.13 -4.80
N GLU A 142 -17.58 6.07 -5.50
CA GLU A 142 -18.02 4.85 -6.18
C GLU A 142 -16.90 4.22 -7.03
N TRP A 143 -16.23 5.00 -7.88
CA TRP A 143 -15.18 4.47 -8.77
C TRP A 143 -13.90 4.05 -8.03
N ASP A 144 -13.55 4.82 -7.00
CA ASP A 144 -12.39 4.51 -6.20
C ASP A 144 -12.62 3.28 -5.24
N ASN A 145 -13.86 2.92 -4.96
CA ASN A 145 -14.13 1.82 -4.06
C ASN A 145 -14.24 0.46 -4.75
N MET A 146 -13.73 0.41 -5.97
CA MET A 146 -13.91 -0.70 -6.87
C MET A 146 -12.55 -0.89 -7.48
N THR A 147 -12.14 -2.15 -7.66
CA THR A 147 -10.92 -2.41 -8.41
C THR A 147 -11.23 -2.38 -9.90
N MET A 148 -10.19 -2.34 -10.75
CA MET A 148 -10.40 -2.44 -12.18
C MET A 148 -11.00 -3.81 -12.49
N LYS A 149 -10.70 -4.83 -11.68
CA LYS A 149 -11.30 -6.15 -11.90
C LYS A 149 -12.84 -6.14 -11.81
N GLU A 150 -13.37 -5.51 -10.77
CA GLU A 150 -14.82 -5.28 -10.68
C GLU A 150 -15.37 -4.48 -11.88
N LEU A 151 -14.66 -3.44 -12.34
CA LEU A 151 -15.19 -2.64 -13.44
C LEU A 151 -15.28 -3.48 -14.70
N LEU A 152 -14.17 -4.16 -15.04
CA LEU A 152 -14.15 -5.10 -16.12
C LEU A 152 -15.23 -6.21 -16.03
N ASP A 153 -15.43 -6.82 -14.85
CA ASP A 153 -16.57 -7.74 -14.64
C ASP A 153 -17.95 -7.14 -15.03
N LYS A 154 -18.19 -5.91 -14.63
CA LYS A 154 -19.39 -5.19 -15.04
C LYS A 154 -19.50 -4.88 -16.57
N LEU A 155 -18.46 -4.28 -17.14
CA LEU A 155 -18.56 -3.79 -18.51
C LEU A 155 -18.53 -4.86 -19.55
N CYS A 156 -17.76 -5.91 -19.33
CA CYS A 156 -17.35 -6.76 -20.43
C CYS A 156 -18.28 -7.97 -20.50
N TRP A 157 -19.08 -8.05 -21.57
CA TRP A 157 -20.04 -9.14 -21.73
C TRP A 157 -19.49 -10.35 -22.49
N THR A 158 -18.25 -10.22 -22.94
CA THR A 158 -17.48 -11.32 -23.53
C THR A 158 -16.15 -11.53 -22.83
N GLU A 159 -15.74 -12.80 -22.73
CA GLU A 159 -14.42 -13.10 -22.18
C GLU A 159 -13.30 -12.48 -23.00
N SER A 160 -13.50 -12.39 -24.31
CA SER A 160 -12.46 -11.89 -25.19
C SER A 160 -12.14 -10.41 -24.93
N ALA A 161 -13.17 -9.61 -24.68
CA ALA A 161 -12.93 -8.24 -24.29
C ALA A 161 -12.28 -8.14 -22.90
N LYS A 162 -12.70 -8.98 -21.97
CA LYS A 162 -12.17 -8.92 -20.61
C LYS A 162 -10.70 -9.30 -20.57
N GLN A 163 -10.36 -10.37 -21.26
CA GLN A 163 -8.98 -10.79 -21.48
C GLN A 163 -8.12 -9.62 -22.05
N LEU A 164 -8.57 -9.01 -23.16
CA LEU A 164 -7.85 -7.92 -23.78
C LEU A 164 -7.72 -6.69 -22.88
N ALA A 165 -8.81 -6.35 -22.19
CA ALA A 165 -8.79 -5.27 -21.21
C ALA A 165 -7.82 -5.52 -20.05
N THR A 166 -7.78 -6.77 -19.56
CA THR A 166 -6.91 -7.18 -18.46
C THR A 166 -5.46 -6.97 -18.88
N LEU A 167 -5.12 -7.47 -20.05
CA LEU A 167 -3.78 -7.33 -20.60
C LEU A 167 -3.44 -5.81 -20.74
N PHE A 168 -4.39 -5.03 -21.21
CA PHE A 168 -4.20 -3.60 -21.22
C PHE A 168 -3.83 -3.04 -19.84
N VAL A 169 -4.56 -3.41 -18.81
CA VAL A 169 -4.26 -2.88 -17.46
C VAL A 169 -2.88 -3.30 -17.03
N ASN A 170 -2.56 -4.58 -17.17
CA ASN A 170 -1.23 -5.08 -16.83
C ASN A 170 -0.11 -4.32 -17.51
N LEU A 171 -0.21 -4.23 -18.85
CA LEU A 171 0.74 -3.52 -19.68
C LEU A 171 0.89 -2.06 -19.28
N CYS A 172 -0.23 -1.39 -19.09
CA CYS A 172 -0.28 0.03 -18.85
C CYS A 172 0.27 0.49 -17.46
N VAL A 173 0.00 -0.33 -16.41
CA VAL A 173 0.34 0.02 -15.03
C VAL A 173 1.11 -1.09 -14.23
N THR A 174 1.63 -2.09 -14.94
CA THR A 174 2.42 -3.15 -14.34
C THR A 174 1.85 -3.67 -13.02
N ALA A 175 0.54 -3.88 -13.02
CA ALA A 175 -0.15 -4.29 -11.82
C ALA A 175 -1.38 -5.10 -12.25
N GLU A 176 -1.91 -5.90 -11.34
CA GLU A 176 -3.08 -6.72 -11.66
C GLU A 176 -4.32 -5.90 -11.55
N THR A 177 -5.34 -6.27 -12.32
CA THR A 177 -6.63 -5.58 -12.26
C THR A 177 -7.24 -5.52 -10.88
N HIS A 178 -7.09 -6.59 -10.09
CA HIS A 178 -7.63 -6.63 -8.70
C HIS A 178 -6.84 -5.79 -7.69
N GLU A 179 -5.61 -5.34 -8.02
CA GLU A 179 -4.80 -4.50 -7.12
C GLU A 179 -5.05 -2.99 -7.23
N VAL A 180 -5.60 -2.55 -8.36
CA VAL A 180 -5.77 -1.11 -8.64
C VAL A 180 -7.22 -0.52 -8.52
N SER A 181 -7.31 0.71 -7.99
CA SER A 181 -8.54 1.50 -7.98
C SER A 181 -9.02 1.78 -9.41
N ALA A 182 -10.36 1.70 -9.62
CA ALA A 182 -10.92 1.95 -10.93
C ALA A 182 -10.76 3.45 -11.23
N LEU A 183 -11.11 4.30 -10.27
CA LEU A 183 -10.94 5.74 -10.44
C LEU A 183 -9.51 6.07 -10.86
N TRP A 184 -8.56 5.49 -10.16
CA TRP A 184 -7.18 5.82 -10.41
C TRP A 184 -6.75 5.49 -11.84
N PHE A 185 -7.18 4.31 -12.31
CA PHE A 185 -6.68 3.81 -13.56
C PHE A 185 -7.30 4.62 -14.69
N LEU A 186 -8.59 4.93 -14.50
CA LEU A 186 -9.35 5.74 -15.42
C LEU A 186 -8.75 7.13 -15.52
N TRP A 187 -8.26 7.63 -14.38
CA TRP A 187 -7.60 8.93 -14.36
C TRP A 187 -6.27 8.84 -15.12
N TYR A 188 -5.47 7.83 -14.76
CA TYR A 188 -4.21 7.61 -15.38
C TYR A 188 -4.32 7.58 -16.92
N VAL A 189 -5.41 7.00 -17.46
CA VAL A 189 -5.50 6.87 -18.89
C VAL A 189 -5.90 8.24 -19.48
N LYS A 190 -6.95 8.82 -18.91
CA LYS A 190 -7.40 10.11 -19.36
C LYS A 190 -6.23 11.15 -19.41
N GLN A 191 -5.42 11.22 -18.35
CA GLN A 191 -4.41 12.25 -18.25
C GLN A 191 -3.26 12.03 -19.23
N CYS A 192 -3.25 10.90 -19.94
CA CYS A 192 -2.33 10.67 -21.03
C CYS A 192 -2.95 11.03 -22.41
N GLY A 193 -4.16 11.60 -22.43
CA GLY A 193 -4.91 11.84 -23.65
C GLY A 193 -5.86 10.74 -24.15
N GLY A 194 -6.16 9.75 -23.30
CA GLY A 194 -7.15 8.69 -23.62
C GLY A 194 -6.55 7.39 -24.12
N THR A 195 -7.39 6.39 -24.33
CA THR A 195 -6.90 5.05 -24.68
C THR A 195 -6.08 4.95 -25.96
N THR A 196 -6.54 5.57 -27.05
CA THR A 196 -5.80 5.54 -28.30
C THR A 196 -4.41 6.19 -28.20
N ARG A 197 -4.33 7.36 -27.57
CA ARG A 197 -3.07 8.04 -27.46
C ARG A 197 -2.14 7.17 -26.64
N ILE A 198 -2.60 6.63 -25.50
CA ILE A 198 -1.72 5.85 -24.62
C ILE A 198 -1.22 4.52 -25.20
N ILE A 199 -2.02 3.85 -26.03
CA ILE A 199 -1.61 2.54 -26.49
C ILE A 199 -0.86 2.56 -27.83
N SER A 200 -0.96 3.65 -28.57
CA SER A 200 -0.43 3.66 -29.94
C SER A 200 1.08 3.76 -30.00
N THR A 201 1.63 3.20 -31.07
CA THR A 201 2.98 3.53 -31.50
C THR A 201 2.89 4.80 -32.37
N THR A 202 2.64 4.64 -33.67
CA THR A 202 2.40 5.80 -34.56
C THR A 202 1.34 6.66 -33.92
N ASN A 203 1.70 7.93 -33.71
CA ASN A 203 0.78 8.91 -33.11
C ASN A 203 0.41 8.75 -31.62
N GLY A 204 1.23 8.00 -30.87
CA GLY A 204 0.98 7.80 -29.45
C GLY A 204 2.22 7.73 -28.59
N GLY A 205 1.98 7.33 -27.31
CA GLY A 205 3.04 7.21 -26.32
C GLY A 205 4.25 6.40 -26.74
N GLN A 206 4.14 5.51 -27.72
CA GLN A 206 5.25 4.65 -28.06
C GLN A 206 5.93 4.99 -29.41
N GLU A 207 5.74 6.22 -29.95
CA GLU A 207 6.16 6.50 -31.32
C GLU A 207 7.66 6.46 -31.45
N ARG A 208 8.34 6.90 -30.40
CA ARG A 208 9.75 7.26 -30.52
C ARG A 208 10.61 6.92 -29.31
N LYS A 209 11.93 6.93 -29.56
CA LYS A 209 12.99 6.83 -28.58
C LYS A 209 14.12 7.84 -28.85
N PHE A 210 14.91 8.07 -27.81
CA PHE A 210 16.05 8.94 -27.99
C PHE A 210 17.23 8.22 -28.59
N VAL A 211 17.76 8.83 -29.66
CA VAL A 211 19.00 8.32 -30.26
C VAL A 211 20.10 8.39 -29.20
N GLY A 212 20.63 7.24 -28.82
CA GLY A 212 21.59 7.19 -27.73
C GLY A 212 21.05 6.82 -26.37
N GLY A 213 19.73 6.71 -26.23
CA GLY A 213 19.10 6.43 -24.95
C GLY A 213 18.65 7.62 -24.13
N SER A 214 17.54 7.42 -23.41
CA SER A 214 16.93 8.42 -22.55
C SER A 214 17.83 8.84 -21.39
N GLY A 215 18.73 7.96 -20.97
CA GLY A 215 19.65 8.27 -19.89
C GLY A 215 20.44 9.56 -20.07
N GLN A 216 20.69 9.95 -21.32
CA GLN A 216 21.42 11.17 -21.66
C GLN A 216 20.77 12.47 -21.19
N VAL A 217 19.46 12.47 -20.99
CA VAL A 217 18.73 13.60 -20.39
C VAL A 217 19.27 13.93 -19.01
N SER A 218 19.40 12.93 -18.13
CA SER A 218 19.79 13.18 -16.74
C SER A 218 21.26 13.50 -16.70
N GLU A 219 22.05 12.65 -17.39
CA GLU A 219 23.48 12.78 -17.63
C GLU A 219 23.88 14.21 -18.08
N ARG A 220 23.24 14.69 -19.15
CA ARG A 220 23.63 15.99 -19.71
C ARG A 220 23.29 17.17 -18.79
N ILE A 221 22.25 17.04 -17.97
CA ILE A 221 21.96 18.10 -17.01
C ILE A 221 23.02 18.05 -15.92
N MET A 222 23.49 16.86 -15.56
CA MET A 222 24.58 16.77 -14.58
C MET A 222 25.84 17.46 -15.15
N ASP A 223 26.07 17.30 -16.46
CA ASP A 223 27.18 17.97 -17.13
C ASP A 223 27.06 19.47 -17.00
N LEU A 224 25.87 20.02 -17.21
CA LEU A 224 25.66 21.46 -17.01
C LEU A 224 25.90 21.92 -15.56
N LEU A 225 25.44 21.12 -14.59
CA LEU A 225 25.46 21.53 -13.20
C LEU A 225 26.85 21.32 -12.55
N GLY A 226 27.73 20.59 -13.22
CA GLY A 226 28.99 20.17 -12.64
C GLY A 226 28.80 19.57 -11.26
N ASP A 227 29.60 20.09 -10.33
CA ASP A 227 29.78 19.49 -9.01
C ASP A 227 28.66 19.78 -7.99
N ARG A 228 27.60 20.45 -8.45
CA ARG A 228 26.36 20.62 -7.69
C ARG A 228 25.52 19.31 -7.56
N VAL A 229 25.90 18.28 -8.29
CA VAL A 229 25.27 16.98 -8.16
C VAL A 229 26.16 16.11 -7.28
N LYS A 230 25.60 15.59 -6.18
CA LYS A 230 26.33 14.69 -5.28
C LYS A 230 25.79 13.29 -5.39
N LEU A 231 26.62 12.43 -5.95
CA LEU A 231 26.30 11.01 -6.08
C LEU A 231 26.57 10.26 -4.79
N GLU A 232 25.85 9.14 -4.59
CA GLU A 232 25.92 8.33 -3.34
C GLU A 232 25.64 9.15 -2.08
N ARG A 233 24.60 9.99 -2.14
CA ARG A 233 24.12 10.75 -0.99
C ARG A 233 22.63 10.44 -0.71
N PRO A 234 22.30 9.24 -0.20
CA PRO A 234 20.92 8.93 0.21
C PRO A 234 20.50 9.89 1.31
N VAL A 235 19.41 10.66 1.14
CA VAL A 235 18.91 11.53 2.20
C VAL A 235 18.20 10.68 3.26
N ILE A 236 18.56 10.92 4.54
CA ILE A 236 18.07 10.13 5.67
C ILE A 236 17.20 10.92 6.66
N TYR A 237 17.14 12.24 6.50
CA TYR A 237 16.73 13.12 7.57
C TYR A 237 16.55 14.54 7.09
N ILE A 238 15.39 15.09 7.42
CA ILE A 238 15.11 16.46 7.14
C ILE A 238 14.55 17.15 8.37
N ASP A 239 15.14 18.29 8.71
CA ASP A 239 14.78 19.09 9.84
C ASP A 239 14.26 20.43 9.33
N GLN A 240 13.03 20.76 9.73
CA GLN A 240 12.43 22.05 9.40
C GLN A 240 12.15 22.95 10.62
N THR A 241 12.62 22.54 11.81
CA THR A 241 12.30 23.27 13.04
C THR A 241 13.05 24.61 13.17
N ARG A 242 14.21 24.69 12.52
CA ARG A 242 15.04 25.89 12.57
C ARG A 242 14.79 26.81 11.37
N GLU A 243 15.48 27.94 11.33
CA GLU A 243 15.28 28.97 10.30
C GLU A 243 15.53 28.46 8.88
N ASN A 244 16.70 27.89 8.65
CA ASN A 244 17.03 27.20 7.42
C ASN A 244 16.78 25.67 7.58
N VAL A 245 16.38 25.02 6.48
CA VAL A 245 16.15 23.58 6.43
C VAL A 245 17.48 22.82 6.43
N LEU A 246 17.55 21.80 7.28
CA LEU A 246 18.74 20.95 7.39
C LEU A 246 18.43 19.59 6.79
N VAL A 247 19.21 19.19 5.80
CA VAL A 247 19.04 17.92 5.15
C VAL A 247 20.27 17.09 5.38
N GLU A 248 20.10 15.92 5.99
CA GLU A 248 21.22 15.05 6.26
C GLU A 248 21.26 13.81 5.35
N THR A 249 22.47 13.35 5.02
CA THR A 249 22.64 12.16 4.19
C THR A 249 23.22 11.00 4.97
N LEU A 250 23.14 9.80 4.40
CA LEU A 250 23.65 8.56 5.02
C LEU A 250 25.18 8.52 5.22
N ASN A 251 25.90 9.03 4.23
CA ASN A 251 27.35 9.12 4.29
C ASN A 251 27.82 10.27 5.18
N HIS A 252 26.88 10.91 5.87
CA HIS A 252 27.16 11.77 7.02
C HIS A 252 27.34 13.28 6.80
N GLU A 253 27.03 13.76 5.59
CA GLU A 253 27.09 15.18 5.27
C GLU A 253 25.81 15.89 5.65
N MET A 254 25.91 17.20 5.82
CA MET A 254 24.79 18.04 6.21
C MET A 254 24.67 19.16 5.21
N TYR A 255 23.45 19.43 4.76
CA TYR A 255 23.17 20.51 3.81
C TYR A 255 22.14 21.44 4.44
N GLU A 256 22.21 22.71 4.06
CA GLU A 256 21.35 23.74 4.61
C GLU A 256 20.79 24.57 3.47
N ALA A 257 19.51 24.84 3.50
CA ALA A 257 18.89 25.56 2.41
C ALA A 257 17.66 26.29 2.89
N LYS A 258 17.17 27.16 2.01
CA LYS A 258 15.91 27.82 2.23
C LYS A 258 14.76 26.82 1.91
N TYR A 259 14.96 25.99 0.89
CA TYR A 259 13.91 25.14 0.33
C TYR A 259 14.40 23.78 -0.13
N VAL A 260 13.49 22.80 -0.04
CA VAL A 260 13.76 21.45 -0.48
C VAL A 260 12.73 21.07 -1.53
N ILE A 261 13.17 20.41 -2.61
CA ILE A 261 12.26 19.72 -3.50
C ILE A 261 12.58 18.25 -3.31
N SER A 262 11.51 17.47 -3.10
CA SER A 262 11.55 16.02 -2.96
C SER A 262 11.15 15.48 -4.35
N ALA A 263 12.09 14.82 -5.03
CA ALA A 263 11.88 14.36 -6.42
C ALA A 263 12.04 12.82 -6.53
N ILE A 264 11.38 12.13 -5.58
CA ILE A 264 11.44 10.70 -5.41
C ILE A 264 10.03 10.13 -5.41
N PRO A 265 9.88 8.86 -5.74
CA PRO A 265 8.59 8.18 -5.53
C PRO A 265 8.00 8.53 -4.15
N PRO A 266 6.73 8.92 -4.11
CA PRO A 266 6.04 9.19 -2.85
C PRO A 266 6.35 8.16 -1.76
N THR A 267 6.26 6.87 -2.06
CA THR A 267 6.52 5.97 -0.98
C THR A 267 7.98 5.98 -0.48
N LEU A 268 8.93 6.34 -1.34
CA LEU A 268 10.34 6.45 -0.89
C LEU A 268 10.63 7.58 0.11
N GLY A 269 9.69 8.52 0.21
CA GLY A 269 9.68 9.43 1.36
C GLY A 269 9.80 8.70 2.70
N MET A 270 9.35 7.44 2.77
CA MET A 270 9.54 6.60 3.97
C MET A 270 10.99 6.50 4.47
N LYS A 271 11.93 6.52 3.52
CA LYS A 271 13.36 6.36 3.82
C LYS A 271 13.98 7.59 4.52
N ILE A 272 13.14 8.56 4.87
CA ILE A 272 13.62 9.81 5.46
C ILE A 272 12.90 10.01 6.77
N HIS A 273 13.66 10.35 7.81
CA HIS A 273 13.08 10.71 9.10
C HIS A 273 12.84 12.19 9.15
N PHE A 274 11.66 12.58 9.62
CA PHE A 274 11.27 13.98 9.57
C PHE A 274 11.17 14.59 10.94
N ASN A 275 11.57 15.87 11.03
CA ASN A 275 11.40 16.69 12.24
C ASN A 275 11.05 18.10 11.74
N PRO A 276 9.85 18.61 12.04
CA PRO A 276 8.87 17.92 12.90
C PRO A 276 8.29 16.70 12.15
N PRO A 277 7.56 15.82 12.81
CA PRO A 277 6.90 14.73 12.08
C PRO A 277 5.97 15.28 10.97
N LEU A 278 5.89 14.57 9.85
CA LEU A 278 4.92 14.89 8.78
C LEU A 278 3.50 15.01 9.28
N PRO A 279 2.68 15.86 8.67
CA PRO A 279 1.26 15.89 9.04
C PRO A 279 0.64 14.46 8.89
N MET A 280 -0.50 14.22 9.51
CA MET A 280 -1.06 12.86 9.51
C MET A 280 -1.35 12.29 8.10
N MET A 281 -1.98 13.09 7.26
CA MET A 281 -2.36 12.63 5.94
C MET A 281 -1.16 12.18 5.13
N ARG A 282 -0.13 13.04 5.01
CA ARG A 282 1.07 12.62 4.29
C ARG A 282 1.76 11.45 4.99
N ASN A 283 1.80 11.49 6.33
CA ASN A 283 2.42 10.39 7.09
C ASN A 283 1.87 9.02 6.67
N GLN A 284 0.55 8.90 6.58
CA GLN A 284 -0.09 7.62 6.19
C GLN A 284 -0.11 7.36 4.67
N MET A 285 -0.26 8.41 3.89
CA MET A 285 -0.25 8.33 2.43
C MET A 285 1.01 7.64 1.91
N ILE A 286 2.20 8.04 2.39
CA ILE A 286 3.45 7.43 1.85
C ILE A 286 3.58 5.91 2.12
N THR A 287 2.62 5.35 2.86
CA THR A 287 2.64 3.88 3.15
C THR A 287 1.59 3.15 2.38
N ARG A 288 0.83 3.90 1.59
CA ARG A 288 -0.34 3.38 0.88
C ARG A 288 -0.15 3.31 -0.64
N VAL A 289 1.06 3.60 -1.11
CA VAL A 289 1.19 3.84 -2.56
C VAL A 289 2.36 3.12 -3.15
N PRO A 290 2.16 1.82 -3.38
CA PRO A 290 3.20 0.96 -3.94
C PRO A 290 3.49 1.28 -5.41
N LEU A 291 4.57 0.71 -5.97
CA LEU A 291 4.90 0.83 -7.43
C LEU A 291 4.79 -0.56 -8.03
N GLY A 292 4.34 -0.65 -9.27
CA GLY A 292 4.14 -1.95 -9.90
C GLY A 292 5.42 -2.76 -10.16
N SER A 293 5.22 -3.99 -10.64
CA SER A 293 6.31 -4.91 -10.85
C SER A 293 6.52 -5.21 -12.34
N VAL A 294 7.75 -5.06 -12.82
CA VAL A 294 8.05 -5.34 -14.23
C VAL A 294 9.50 -5.78 -14.39
N ILE A 295 9.76 -6.67 -15.35
CA ILE A 295 11.12 -6.92 -15.85
C ILE A 295 11.20 -6.46 -17.30
N LYS A 296 12.18 -5.66 -17.65
CA LYS A 296 12.31 -5.22 -19.03
C LYS A 296 13.37 -6.05 -19.70
N CYS A 297 13.02 -6.77 -20.75
CA CYS A 297 13.95 -7.67 -21.39
C CYS A 297 14.19 -7.33 -22.87
N ILE A 298 15.46 -7.35 -23.29
CA ILE A 298 15.79 -7.20 -24.70
C ILE A 298 16.62 -8.39 -25.26
N VAL A 299 16.10 -9.03 -26.31
CA VAL A 299 16.76 -10.18 -26.94
C VAL A 299 17.34 -9.75 -28.29
N TYR A 300 18.64 -9.92 -28.46
CA TYR A 300 19.36 -9.49 -29.68
C TYR A 300 19.39 -10.62 -30.69
N TYR A 301 19.35 -10.28 -31.98
CA TYR A 301 19.47 -11.22 -33.09
C TYR A 301 20.36 -10.62 -34.16
N LYS A 302 20.92 -11.49 -35.00
CA LYS A 302 21.90 -11.03 -36.00
C LYS A 302 21.22 -10.12 -37.02
N GLU A 303 19.92 -10.31 -37.21
CA GLU A 303 19.12 -9.50 -38.12
C GLU A 303 17.67 -9.35 -37.66
N PRO A 304 16.97 -8.32 -38.14
CA PRO A 304 15.56 -8.12 -37.79
C PRO A 304 14.64 -9.03 -38.65
N PHE A 305 14.73 -10.34 -38.37
CA PHE A 305 14.24 -11.39 -39.29
C PHE A 305 12.73 -11.31 -39.47
N TRP A 306 12.04 -10.91 -38.42
CA TRP A 306 10.59 -10.71 -38.52
C TRP A 306 10.11 -9.76 -39.63
N ARG A 307 10.87 -8.68 -39.92
CA ARG A 307 10.58 -7.79 -41.05
C ARG A 307 10.40 -8.52 -42.39
N LYS A 308 11.25 -9.51 -42.66
CA LYS A 308 11.16 -10.34 -43.90
C LYS A 308 9.87 -11.16 -44.03
N LYS A 309 9.29 -11.61 -42.91
CA LYS A 309 7.94 -12.21 -42.89
C LYS A 309 6.79 -11.18 -42.80
N ASP A 310 7.15 -9.92 -42.94
CA ASP A 310 6.21 -8.81 -42.98
C ASP A 310 5.52 -8.66 -41.60
N TYR A 311 6.33 -8.79 -40.54
CA TYR A 311 5.96 -8.38 -39.20
C TYR A 311 6.86 -7.21 -38.69
N CYS A 312 6.30 -6.23 -37.99
CA CYS A 312 7.11 -5.13 -37.49
C CYS A 312 7.84 -5.46 -36.19
N GLY A 313 7.30 -6.40 -35.40
CA GLY A 313 7.98 -6.78 -34.18
C GLY A 313 7.07 -6.58 -33.00
N THR A 314 5.95 -5.91 -33.24
CA THR A 314 4.95 -5.69 -32.22
C THR A 314 4.14 -6.94 -32.00
N MET A 315 4.15 -7.47 -30.80
CA MET A 315 3.28 -8.60 -30.50
C MET A 315 2.45 -8.29 -29.29
N ILE A 316 1.16 -8.54 -29.42
CA ILE A 316 0.24 -8.58 -28.30
C ILE A 316 -0.12 -10.02 -28.05
N ILE A 317 0.42 -10.55 -26.97
CA ILE A 317 0.35 -11.98 -26.69
C ILE A 317 -0.50 -12.25 -25.48
N ASP A 318 -1.59 -13.01 -25.69
CA ASP A 318 -2.48 -13.40 -24.60
C ASP A 318 -2.16 -14.69 -23.88
N GLY A 319 -2.81 -14.90 -22.75
CA GLY A 319 -2.65 -16.15 -22.02
C GLY A 319 -1.70 -16.11 -20.83
N GLU A 320 -1.96 -17.00 -19.86
CA GLU A 320 -1.18 -17.07 -18.61
C GLU A 320 0.23 -17.66 -18.83
N GLU A 321 0.38 -18.47 -19.88
CA GLU A 321 1.61 -19.23 -20.09
C GLU A 321 2.72 -18.33 -20.65
N ALA A 322 2.35 -17.30 -21.37
CA ALA A 322 3.29 -16.40 -21.93
C ALA A 322 4.00 -15.56 -20.85
N PRO A 323 5.31 -15.62 -20.79
CA PRO A 323 6.04 -14.73 -19.86
C PRO A 323 5.92 -13.25 -20.19
N VAL A 324 5.81 -12.90 -21.47
CA VAL A 324 5.83 -11.54 -21.90
C VAL A 324 4.55 -11.35 -22.67
N ALA A 325 3.75 -10.35 -22.30
CA ALA A 325 2.48 -10.09 -22.96
C ALA A 325 2.52 -9.02 -24.11
N TYR A 326 3.63 -8.26 -24.19
CA TYR A 326 3.79 -7.21 -25.22
C TYR A 326 5.23 -6.99 -25.66
N THR A 327 5.45 -6.94 -26.96
CA THR A 327 6.77 -6.65 -27.46
C THR A 327 6.75 -5.52 -28.43
N LEU A 328 7.93 -4.96 -28.65
CA LEU A 328 8.22 -3.96 -29.68
C LEU A 328 9.58 -4.24 -30.29
N ASP A 329 9.70 -3.97 -31.58
CA ASP A 329 10.99 -3.88 -32.25
C ASP A 329 11.89 -2.90 -31.51
N ASP A 330 13.09 -3.34 -31.16
CA ASP A 330 14.04 -2.46 -30.48
C ASP A 330 15.34 -2.29 -31.29
N THR A 331 15.32 -2.70 -32.56
CA THR A 331 16.41 -2.38 -33.50
C THR A 331 16.74 -0.88 -33.62
N LYS A 332 18.01 -0.58 -33.83
CA LYS A 332 18.50 0.79 -34.02
C LYS A 332 17.98 1.39 -35.33
N PRO A 333 17.99 2.73 -35.43
CA PRO A 333 17.51 3.42 -36.62
C PRO A 333 18.25 2.90 -37.86
N GLU A 334 19.52 2.58 -37.67
CA GLU A 334 20.39 2.17 -38.78
C GLU A 334 20.02 0.79 -39.34
N GLY A 335 19.11 0.07 -38.69
CA GLY A 335 18.78 -1.30 -39.08
C GLY A 335 19.72 -2.35 -38.48
N ASN A 336 20.56 -1.96 -37.52
CA ASN A 336 21.40 -2.96 -36.86
C ASN A 336 21.17 -3.14 -35.36
N TYR A 337 21.79 -4.17 -34.79
CA TYR A 337 21.56 -4.64 -33.40
C TYR A 337 20.10 -4.98 -33.26
N ALA A 338 19.64 -5.70 -34.26
CA ALA A 338 18.33 -6.27 -34.22
C ALA A 338 18.02 -6.75 -32.82
N ALA A 339 16.86 -6.35 -32.30
CA ALA A 339 16.40 -6.72 -30.97
C ALA A 339 14.89 -6.60 -30.82
N ILE A 340 14.32 -7.50 -30.02
CA ILE A 340 12.92 -7.43 -29.59
C ILE A 340 12.95 -7.00 -28.13
N MET A 341 12.22 -5.94 -27.78
CA MET A 341 12.02 -5.57 -26.38
C MET A 341 10.71 -6.23 -25.89
N GLY A 342 10.70 -6.72 -24.64
CA GLY A 342 9.51 -7.34 -24.05
C GLY A 342 9.40 -7.04 -22.57
N PHE A 343 8.19 -6.86 -22.07
CA PHE A 343 8.00 -6.65 -20.65
C PHE A 343 7.42 -7.89 -19.98
N ILE A 344 7.99 -8.29 -18.86
CA ILE A 344 7.39 -9.31 -18.03
C ILE A 344 6.67 -8.55 -16.95
N LEU A 345 5.34 -8.71 -16.89
CA LEU A 345 4.45 -7.78 -16.15
C LEU A 345 3.84 -8.35 -14.86
N ALA A 346 3.78 -7.55 -13.78
CA ALA A 346 2.89 -7.80 -12.64
C ALA A 346 3.24 -9.11 -11.97
N HIS A 347 2.27 -10.01 -11.74
CA HIS A 347 2.59 -11.26 -11.01
C HIS A 347 3.62 -12.14 -11.73
N LYS A 348 3.80 -11.93 -13.02
CA LYS A 348 4.77 -12.74 -13.74
C LYS A 348 6.19 -12.21 -13.49
N ALA A 349 6.29 -10.93 -13.15
CA ALA A 349 7.60 -10.41 -12.82
C ALA A 349 8.04 -11.06 -11.51
N ARG A 350 7.10 -11.23 -10.58
CA ARG A 350 7.33 -11.91 -9.30
C ARG A 350 7.66 -13.40 -9.44
N LYS A 351 6.89 -14.13 -10.25
CA LYS A 351 7.11 -15.57 -10.44
C LYS A 351 8.45 -15.86 -11.13
N LEU A 352 8.64 -15.34 -12.32
CA LEU A 352 9.81 -15.60 -13.17
C LEU A 352 11.14 -14.99 -12.65
N ALA A 353 11.08 -14.13 -11.65
CA ALA A 353 12.30 -13.64 -11.00
C ALA A 353 13.04 -14.75 -10.28
N ARG A 354 12.36 -15.90 -10.05
CA ARG A 354 12.92 -17.01 -9.34
C ARG A 354 13.94 -17.71 -10.24
N LEU A 355 13.65 -17.75 -11.54
CA LEU A 355 14.53 -18.39 -12.52
C LEU A 355 15.83 -17.59 -12.71
N THR A 356 16.79 -18.18 -13.43
CA THR A 356 18.01 -17.49 -13.85
C THR A 356 17.81 -16.66 -15.14
N LYS A 357 18.73 -15.73 -15.36
CA LYS A 357 18.81 -14.93 -16.56
C LYS A 357 18.65 -15.82 -17.80
N GLU A 358 19.41 -16.93 -17.84
CA GLU A 358 19.40 -17.88 -18.95
C GLU A 358 18.05 -18.57 -19.09
N GLU A 359 17.48 -19.06 -17.99
CA GLU A 359 16.13 -19.64 -18.07
C GLU A 359 15.08 -18.62 -18.58
N ARG A 360 15.25 -17.33 -18.29
CA ARG A 360 14.33 -16.32 -18.83
C ARG A 360 14.56 -16.10 -20.33
N LEU A 361 15.83 -15.99 -20.73
CA LEU A 361 16.18 -15.92 -22.13
C LEU A 361 15.51 -17.01 -22.96
N LYS A 362 15.64 -18.26 -22.52
CA LYS A 362 15.03 -19.42 -23.18
C LYS A 362 13.52 -19.33 -23.30
N LYS A 363 12.83 -19.12 -22.17
CA LYS A 363 11.34 -19.02 -22.16
C LYS A 363 10.88 -17.98 -23.18
N LEU A 364 11.66 -16.92 -23.35
CA LEU A 364 11.29 -15.82 -24.26
C LEU A 364 11.50 -16.20 -25.71
N CYS A 365 12.70 -16.74 -26.04
CA CYS A 365 12.96 -17.19 -27.39
C CYS A 365 11.90 -18.18 -27.84
N GLU A 366 11.54 -19.08 -26.96
CA GLU A 366 10.52 -20.11 -27.29
C GLU A 366 9.12 -19.58 -27.55
N LEU A 367 8.67 -18.63 -26.72
CA LEU A 367 7.51 -17.78 -27.03
C LEU A 367 7.59 -17.03 -28.41
N TYR A 368 8.66 -16.26 -28.65
CA TYR A 368 8.80 -15.46 -29.90
C TYR A 368 8.81 -16.36 -31.11
N ALA A 369 9.44 -17.52 -30.97
CA ALA A 369 9.50 -18.51 -32.06
C ALA A 369 8.08 -18.97 -32.43
N LYS A 370 7.34 -19.35 -31.39
CA LYS A 370 5.94 -19.70 -31.52
C LYS A 370 5.17 -18.51 -32.09
N VAL A 371 5.27 -17.35 -31.47
CA VAL A 371 4.45 -16.22 -31.95
C VAL A 371 4.78 -15.77 -33.38
N LEU A 372 6.06 -15.56 -33.69
CA LEU A 372 6.48 -15.08 -35.02
C LEU A 372 6.53 -16.22 -36.03
N GLY A 373 6.21 -17.44 -35.58
CA GLY A 373 6.40 -18.64 -36.38
C GLY A 373 7.79 -18.80 -36.98
N SER A 374 8.85 -18.48 -36.24
CA SER A 374 10.21 -18.53 -36.79
C SER A 374 11.23 -19.16 -35.83
N LEU A 375 11.88 -20.24 -36.31
CA LEU A 375 13.05 -20.86 -35.68
C LEU A 375 14.19 -19.88 -35.36
N GLU A 376 14.38 -18.87 -36.22
CA GLU A 376 15.44 -17.89 -36.05
C GLU A 376 15.44 -17.31 -34.63
N ALA A 377 14.22 -17.25 -34.05
CA ALA A 377 13.96 -16.71 -32.71
C ALA A 377 14.61 -17.49 -31.60
N LEU A 378 15.02 -18.73 -31.92
CA LEU A 378 15.74 -19.57 -30.97
C LEU A 378 17.25 -19.31 -31.05
N GLU A 379 17.67 -18.34 -31.86
CA GLU A 379 19.10 -18.13 -32.13
C GLU A 379 19.63 -16.73 -31.70
N PRO A 380 19.42 -16.36 -30.42
CA PRO A 380 19.74 -15.01 -29.94
C PRO A 380 21.25 -14.79 -29.98
N VAL A 381 21.72 -13.56 -30.21
CA VAL A 381 23.18 -13.28 -30.18
C VAL A 381 23.59 -12.65 -28.86
N HIS A 382 22.65 -12.02 -28.16
CA HIS A 382 22.87 -11.36 -26.87
C HIS A 382 21.54 -11.19 -26.08
N TYR A 383 21.62 -10.98 -24.77
CA TYR A 383 20.45 -10.70 -23.94
C TYR A 383 20.78 -9.70 -22.85
N GLU A 384 19.84 -8.78 -22.58
CA GLU A 384 19.92 -7.84 -21.46
C GLU A 384 18.56 -7.71 -20.78
N GLU A 385 18.55 -7.65 -19.46
CA GLU A 385 17.29 -7.54 -18.71
C GLU A 385 17.51 -6.68 -17.45
N LYS A 386 16.48 -5.98 -17.01
CA LYS A 386 16.48 -5.43 -15.68
C LYS A 386 15.18 -5.69 -14.96
N ASN A 387 15.30 -6.28 -13.77
CA ASN A 387 14.18 -6.38 -12.89
C ASN A 387 14.10 -5.17 -11.97
N TRP A 388 13.23 -4.20 -12.27
CA TRP A 388 13.04 -3.05 -11.40
C TRP A 388 12.48 -3.31 -9.96
N CYS A 389 11.89 -4.49 -9.73
CA CYS A 389 11.40 -4.84 -8.36
C CYS A 389 12.46 -4.86 -7.26
N GLU A 390 13.71 -5.03 -7.64
CA GLU A 390 14.78 -5.21 -6.69
C GLU A 390 15.48 -3.92 -6.29
N GLU A 391 15.04 -2.81 -6.85
CA GLU A 391 15.64 -1.50 -6.63
C GLU A 391 15.11 -0.79 -5.38
N GLN A 392 15.90 -0.79 -4.31
CA GLN A 392 15.67 0.02 -3.13
C GLN A 392 15.38 1.54 -3.43
N TYR A 393 16.02 2.13 -4.43
CA TYR A 393 15.79 3.57 -4.70
C TYR A 393 14.87 3.88 -5.90
N SER A 394 14.10 2.87 -6.33
CA SER A 394 12.96 3.03 -7.21
C SER A 394 11.69 2.45 -6.59
N GLY A 395 11.79 1.21 -6.06
CA GLY A 395 10.64 0.52 -5.45
C GLY A 395 9.87 -0.32 -6.43
N GLY A 396 10.05 -0.05 -7.73
CA GLY A 396 9.37 -0.77 -8.81
C GLY A 396 9.30 0.11 -10.04
N CYS A 397 8.54 -0.29 -11.08
CA CYS A 397 8.36 0.52 -12.26
C CYS A 397 7.07 0.04 -12.90
N TYR A 398 6.47 0.84 -13.81
CA TYR A 398 6.96 2.17 -14.25
C TYR A 398 6.78 3.22 -13.19
N THR A 399 5.66 3.11 -12.50
CA THR A 399 5.29 4.14 -11.55
C THR A 399 4.47 3.58 -10.39
N THR A 400 3.89 4.53 -9.65
CA THR A 400 3.06 4.33 -8.48
C THR A 400 1.62 4.08 -8.86
N TYR A 401 1.05 3.03 -8.30
CA TYR A 401 -0.37 2.75 -8.46
C TYR A 401 -1.14 2.94 -7.15
N PHE A 402 -2.40 3.30 -7.27
CA PHE A 402 -3.24 3.54 -6.10
C PHE A 402 -4.25 2.41 -5.92
N PRO A 403 -4.16 1.66 -4.83
CA PRO A 403 -5.18 0.61 -4.48
C PRO A 403 -6.52 1.29 -4.23
N PRO A 404 -7.60 0.50 -4.19
CA PRO A 404 -8.92 1.04 -3.85
C PRO A 404 -9.01 1.87 -2.58
N GLY A 405 -9.69 3.00 -2.73
CA GLY A 405 -10.06 3.84 -1.58
C GLY A 405 -8.99 4.83 -1.20
N ILE A 406 -7.82 4.74 -1.84
CA ILE A 406 -6.71 5.61 -1.49
C ILE A 406 -6.76 6.97 -2.20
N LEU A 407 -7.01 7.00 -3.53
CA LEU A 407 -6.91 8.25 -4.30
C LEU A 407 -7.83 9.34 -3.74
N THR A 408 -9.03 8.97 -3.30
CA THR A 408 -9.99 9.94 -2.75
C THR A 408 -9.69 10.34 -1.31
N GLN A 409 -9.11 9.45 -0.52
CA GLN A 409 -8.82 9.79 0.87
C GLN A 409 -7.54 10.58 0.97
N TYR A 410 -6.54 10.25 0.15
CA TYR A 410 -5.21 10.83 0.34
C TYR A 410 -4.66 11.60 -0.84
N GLY A 411 -5.34 11.50 -1.99
CA GLY A 411 -4.93 12.07 -3.26
C GLY A 411 -4.55 13.52 -3.20
N ARG A 412 -5.37 14.30 -2.50
CA ARG A 412 -5.13 15.76 -2.43
C ARG A 412 -3.76 16.18 -1.84
N VAL A 413 -3.09 15.20 -1.20
CA VAL A 413 -1.94 15.45 -0.34
C VAL A 413 -0.60 15.35 -1.10
N LEU A 414 -0.62 14.77 -2.29
CA LEU A 414 0.61 14.38 -2.99
C LEU A 414 1.54 15.52 -3.26
N ARG A 415 1.01 16.67 -3.68
CA ARG A 415 1.84 17.82 -4.00
C ARG A 415 1.50 19.03 -3.19
N GLN A 416 0.80 18.77 -2.08
CA GLN A 416 0.63 19.78 -1.04
C GLN A 416 1.99 20.07 -0.32
N PRO A 417 2.54 21.28 -0.45
CA PRO A 417 3.82 21.57 0.21
C PRO A 417 3.74 21.29 1.72
N VAL A 418 4.83 20.78 2.29
CA VAL A 418 4.94 20.62 3.72
C VAL A 418 5.96 21.62 4.23
N ASP A 419 5.46 22.77 4.70
CA ASP A 419 6.28 23.91 5.14
C ASP A 419 7.16 24.43 3.98
N ARG A 420 8.43 24.03 3.92
CA ARG A 420 9.37 24.51 2.89
C ARG A 420 9.82 23.36 1.98
N ILE A 421 9.19 22.18 2.18
CA ILE A 421 9.31 21.03 1.27
C ILE A 421 8.21 21.06 0.21
N TYR A 422 8.63 21.03 -1.06
CA TYR A 422 7.75 21.06 -2.22
C TYR A 422 7.91 19.74 -2.99
N PHE A 423 6.89 19.28 -3.71
CA PHE A 423 6.97 17.95 -4.28
C PHE A 423 6.99 17.86 -5.81
N ALA A 424 8.04 17.26 -6.35
CA ALA A 424 8.09 16.88 -7.77
C ALA A 424 8.00 15.36 -7.89
N GLY A 425 8.61 14.81 -8.93
CA GLY A 425 8.46 13.40 -9.28
C GLY A 425 7.24 13.20 -10.16
N THR A 426 7.37 12.30 -11.13
CA THR A 426 6.31 12.14 -12.11
C THR A 426 4.91 11.78 -11.52
N GLU A 427 4.87 11.12 -10.37
CA GLU A 427 3.58 10.82 -9.72
C GLU A 427 2.68 12.04 -9.43
N THR A 428 3.28 13.22 -9.25
CA THR A 428 2.57 14.49 -9.01
C THR A 428 2.23 15.30 -10.27
N ALA A 429 2.67 14.85 -11.44
CA ALA A 429 2.29 15.50 -12.70
C ALA A 429 0.78 15.40 -13.00
N THR A 430 0.30 16.28 -13.90
CA THR A 430 -1.10 16.23 -14.32
C THR A 430 -1.28 15.81 -15.79
N HIS A 431 -0.19 15.69 -16.53
CA HIS A 431 -0.25 15.30 -17.96
C HIS A 431 0.87 14.31 -18.19
N TRP A 432 0.52 13.04 -18.42
CA TRP A 432 1.50 11.96 -18.61
C TRP A 432 2.24 11.70 -17.27
N SER A 433 1.59 11.99 -16.14
CA SER A 433 2.08 11.42 -14.89
C SER A 433 2.37 9.89 -15.07
N GLY A 434 3.49 9.46 -14.49
CA GLY A 434 4.01 8.10 -14.56
C GLY A 434 5.07 7.92 -15.65
N TYR A 435 5.24 8.96 -16.48
CA TYR A 435 6.20 8.99 -17.60
C TYR A 435 7.36 10.03 -17.45
N MET A 436 8.40 9.92 -18.27
CA MET A 436 9.45 10.99 -18.36
C MET A 436 8.85 12.38 -18.63
N GLU A 437 7.80 12.44 -19.43
CA GLU A 437 7.07 13.69 -19.59
C GLU A 437 6.61 14.25 -18.26
N GLY A 438 5.92 13.47 -17.43
CA GLY A 438 5.36 13.99 -16.15
C GLY A 438 6.49 14.35 -15.17
N ALA A 439 7.60 13.66 -15.27
CA ALA A 439 8.72 14.03 -14.42
C ALA A 439 9.15 15.47 -14.74
N VAL A 440 9.08 15.88 -16.01
CA VAL A 440 9.61 17.17 -16.42
C VAL A 440 8.62 18.26 -15.99
N GLU A 441 7.34 17.94 -16.15
CA GLU A 441 6.25 18.80 -15.69
C GLU A 441 6.33 19.01 -14.17
N ALA A 442 6.32 17.94 -13.40
CA ALA A 442 6.36 18.07 -11.95
C ALA A 442 7.61 18.81 -11.48
N GLY A 443 8.75 18.49 -12.10
CA GLY A 443 10.01 19.09 -11.73
C GLY A 443 10.06 20.61 -11.92
N GLU A 444 9.67 21.07 -13.09
CA GLU A 444 9.63 22.47 -13.40
C GLU A 444 8.55 23.23 -12.62
N ARG A 445 7.46 22.56 -12.31
CA ARG A 445 6.40 23.22 -11.53
C ARG A 445 6.77 23.32 -10.04
N ALA A 446 7.40 22.30 -9.48
CA ALA A 446 7.87 22.40 -8.10
C ALA A 446 8.89 23.55 -8.04
N ALA A 447 9.84 23.58 -9.00
CA ALA A 447 10.84 24.67 -9.04
C ALA A 447 10.14 26.02 -9.12
N ARG A 448 9.15 26.12 -9.99
CA ARG A 448 8.43 27.37 -10.10
C ARG A 448 7.60 27.73 -8.85
N GLU A 449 7.14 26.72 -8.11
CA GLU A 449 6.45 27.00 -6.82
C GLU A 449 7.37 27.74 -5.85
N ILE A 450 8.64 27.35 -5.87
CA ILE A 450 9.62 27.92 -4.98
C ILE A 450 10.01 29.34 -5.44
N LEU A 451 10.21 29.52 -6.74
CA LEU A 451 10.47 30.84 -7.29
C LEU A 451 9.31 31.80 -6.85
N HIS A 452 8.09 31.28 -6.82
CA HIS A 452 6.97 32.08 -6.31
C HIS A 452 7.09 32.35 -4.81
N ALA A 453 7.35 31.33 -4.01
CA ALA A 453 7.51 31.53 -2.56
C ALA A 453 8.56 32.62 -2.32
N MET A 454 9.62 32.60 -3.13
CA MET A 454 10.70 33.59 -3.04
C MET A 454 10.37 34.97 -3.61
N GLY A 455 9.18 35.15 -4.18
CA GLY A 455 8.72 36.41 -4.75
C GLY A 455 9.43 36.81 -6.04
N LYS A 456 9.94 35.83 -6.80
CA LYS A 456 10.61 36.05 -8.06
C LYS A 456 9.70 35.97 -9.29
N ILE A 457 8.48 35.43 -9.12
CA ILE A 457 7.51 35.29 -10.21
C ILE A 457 6.08 35.29 -9.65
N PRO A 458 5.10 35.75 -10.42
CA PRO A 458 3.70 35.78 -9.97
C PRO A 458 3.07 34.40 -9.81
N GLU A 459 2.06 34.28 -8.96
CA GLU A 459 1.32 33.05 -8.77
C GLU A 459 0.84 32.41 -10.10
N ASP A 460 0.36 33.21 -11.04
CA ASP A 460 -0.13 32.69 -12.30
C ASP A 460 0.98 32.13 -13.21
N GLU A 461 2.23 32.14 -12.74
CA GLU A 461 3.34 31.64 -13.54
C GLU A 461 3.88 30.24 -13.11
N ILE A 462 3.29 29.69 -12.03
CA ILE A 462 3.61 28.37 -11.45
C ILE A 462 3.29 27.20 -12.40
N TRP A 463 2.06 27.16 -12.94
CA TRP A 463 1.68 26.21 -13.96
C TRP A 463 1.82 26.91 -15.32
N GLN A 464 2.67 26.37 -16.19
CA GLN A 464 2.98 26.99 -17.47
C GLN A 464 2.69 26.00 -18.56
N SER A 465 1.93 26.41 -19.58
CA SER A 465 1.69 25.54 -20.73
C SER A 465 2.92 25.43 -21.69
N GLU A 466 2.97 24.32 -22.42
CA GLU A 466 4.06 24.00 -23.34
C GLU A 466 3.67 24.05 -24.84
N PRO A 467 4.45 24.77 -25.66
CA PRO A 467 4.21 24.79 -27.13
C PRO A 467 4.46 23.41 -27.81
N GLU A 468 3.68 23.07 -28.81
CA GLU A 468 3.79 21.76 -29.45
C GLU A 468 5.14 21.56 -30.19
N SER A 469 5.77 20.41 -29.99
CA SER A 469 7.00 20.06 -30.72
C SER A 469 6.76 20.30 -32.22
N VAL A 470 7.72 20.87 -32.92
CA VAL A 470 7.59 20.96 -34.37
C VAL A 470 8.10 19.65 -34.98
N ASP A 471 8.94 18.92 -34.24
CA ASP A 471 9.54 17.69 -34.71
C ASP A 471 8.65 16.47 -34.52
N VAL A 472 7.79 16.49 -33.50
CA VAL A 472 6.89 15.37 -33.18
C VAL A 472 5.45 15.88 -33.01
N PRO A 473 4.83 16.29 -34.11
CA PRO A 473 3.49 16.85 -34.03
C PRO A 473 2.40 15.79 -33.79
N ALA A 474 1.34 16.16 -33.06
CA ALA A 474 0.22 15.26 -32.76
C ALA A 474 -0.94 15.33 -33.80
N GLN A 475 -1.28 14.19 -34.40
CA GLN A 475 -2.56 14.07 -35.10
C GLN A 475 -3.65 14.00 -34.02
N PRO A 476 -4.82 14.57 -34.28
CA PRO A 476 -5.91 14.52 -33.30
C PRO A 476 -6.49 13.12 -33.25
N ILE A 477 -7.16 12.77 -32.16
CA ILE A 477 -7.74 11.44 -31.99
C ILE A 477 -9.15 11.37 -32.56
N THR A 478 -9.32 10.61 -33.64
CA THR A 478 -10.62 10.55 -34.33
C THR A 478 -11.39 9.29 -34.02
N THR A 479 -12.71 9.43 -33.80
CA THR A 479 -13.69 8.31 -33.87
C THR A 479 -14.61 8.34 -35.11
N THR A 480 -15.18 7.19 -35.49
CA THR A 480 -16.16 7.12 -36.58
C THR A 480 -17.57 7.25 -36.01
N PHE A 481 -18.52 7.60 -36.87
CA PHE A 481 -19.94 7.63 -36.49
C PHE A 481 -20.43 6.36 -35.79
N LEU A 482 -20.10 5.21 -36.35
CA LEU A 482 -20.58 3.92 -35.89
C LEU A 482 -20.02 3.67 -34.50
N GLU A 483 -18.70 3.87 -34.39
CA GLU A 483 -17.94 3.73 -33.15
C GLU A 483 -18.60 4.50 -32.00
N ARG A 484 -18.98 5.73 -32.28
CA ARG A 484 -19.69 6.59 -31.33
C ARG A 484 -21.08 6.08 -30.94
N HIS A 485 -21.83 5.56 -31.91
CA HIS A 485 -23.25 5.29 -31.69
C HIS A 485 -23.70 3.82 -31.61
N LEU A 486 -22.88 2.88 -32.07
CA LEU A 486 -23.23 1.48 -31.96
C LEU A 486 -23.52 1.20 -30.49
N PRO A 487 -24.47 0.35 -30.17
CA PRO A 487 -24.83 0.07 -28.77
C PRO A 487 -23.93 -0.96 -28.08
N SER A 488 -24.03 -1.00 -26.74
CA SER A 488 -23.40 -2.05 -25.93
C SER A 488 -24.10 -3.42 -26.10
N VAL A 489 -23.53 -4.48 -25.49
CA VAL A 489 -24.20 -5.76 -25.49
C VAL A 489 -25.54 -5.63 -24.72
N PRO A 490 -25.55 -5.22 -23.45
CA PRO A 490 -26.81 -4.95 -22.73
C PRO A 490 -27.72 -3.97 -23.49
N GLY A 491 -27.13 -3.08 -24.28
CA GLY A 491 -27.88 -2.15 -25.10
C GLY A 491 -28.62 -2.79 -26.26
N LEU A 492 -27.95 -3.67 -27.01
CA LEU A 492 -28.60 -4.47 -28.04
C LEU A 492 -29.76 -5.27 -27.43
N LEU A 493 -29.47 -5.94 -26.31
CA LEU A 493 -30.40 -6.75 -25.52
C LEU A 493 -31.69 -6.02 -25.16
N ARG A 494 -31.55 -4.76 -24.74
CA ARG A 494 -32.70 -3.94 -24.35
C ARG A 494 -33.54 -3.59 -25.56
N LEU A 495 -32.87 -3.26 -26.66
CA LEU A 495 -33.51 -3.06 -27.97
C LEU A 495 -34.24 -4.32 -28.51
N ILE A 496 -33.87 -5.50 -28.01
CA ILE A 496 -34.56 -6.75 -28.34
C ILE A 496 -35.75 -7.01 -27.42
N GLY A 497 -35.63 -6.68 -26.13
CA GLY A 497 -36.74 -6.78 -25.21
C GLY A 497 -37.83 -5.74 -25.47
N LEU A 498 -37.54 -4.74 -26.33
CA LEU A 498 -38.45 -3.61 -26.59
C LEU A 498 -39.24 -3.72 -27.90
N THR A 499 -38.57 -4.17 -28.96
CA THR A 499 -39.24 -4.60 -30.19
C THR A 499 -40.19 -5.79 -29.89
N THR A 500 -39.73 -6.74 -29.07
CA THR A 500 -40.59 -7.83 -28.54
C THR A 500 -41.47 -7.41 -27.33
N ILE A 501 -42.54 -6.64 -27.60
CA ILE A 501 -43.56 -6.20 -26.61
C ILE A 501 -44.55 -5.25 -27.29
N ASN B 3 28.13 -0.02 21.50
CA ASN B 3 28.88 -0.85 20.49
C ASN B 3 28.53 -2.37 20.41
N LYS B 4 29.16 -3.26 21.15
CA LYS B 4 29.06 -4.70 20.83
C LYS B 4 28.11 -5.50 21.69
N CYS B 5 27.49 -6.54 21.09
CA CYS B 5 26.52 -7.43 21.77
C CYS B 5 26.19 -8.64 20.91
N ASP B 6 25.39 -9.57 21.44
CA ASP B 6 24.93 -10.76 20.66
C ASP B 6 23.79 -10.46 19.67
N VAL B 7 22.72 -9.82 20.18
CA VAL B 7 21.57 -9.41 19.40
C VAL B 7 21.16 -7.96 19.61
N VAL B 8 20.96 -7.24 18.49
CA VAL B 8 20.25 -5.96 18.47
C VAL B 8 18.76 -6.23 18.14
N VAL B 9 17.88 -5.68 18.98
CA VAL B 9 16.45 -5.73 18.72
C VAL B 9 16.01 -4.32 18.38
N VAL B 10 15.51 -4.15 17.14
CA VAL B 10 15.00 -2.87 16.69
C VAL B 10 13.52 -2.71 17.12
N GLY B 11 13.25 -1.73 17.99
CA GLY B 11 11.89 -1.45 18.43
C GLY B 11 11.60 -1.94 19.83
N GLY B 12 11.12 -1.07 20.69
CA GLY B 12 10.82 -1.46 22.06
C GLY B 12 9.34 -1.46 22.41
N GLY B 13 8.55 -2.08 21.54
CA GLY B 13 7.16 -2.36 21.77
C GLY B 13 7.14 -3.69 22.48
N ILE B 14 5.95 -4.26 22.71
CA ILE B 14 5.81 -5.54 23.38
C ILE B 14 6.56 -6.62 22.63
N SER B 15 6.52 -6.60 21.31
CA SER B 15 7.24 -7.65 20.56
C SER B 15 8.77 -7.63 20.81
N GLY B 16 9.40 -6.46 20.58
CA GLY B 16 10.81 -6.26 20.85
C GLY B 16 11.22 -6.62 22.28
N MET B 17 10.54 -6.00 23.25
CA MET B 17 10.72 -6.22 24.68
C MET B 17 10.62 -7.70 25.08
N ALA B 18 9.55 -8.40 24.70
CA ALA B 18 9.48 -9.84 24.93
C ALA B 18 10.65 -10.60 24.27
N ALA B 19 11.01 -10.29 23.03
CA ALA B 19 12.19 -10.92 22.39
C ALA B 19 13.45 -10.64 23.21
N ALA B 20 13.66 -9.41 23.66
CA ALA B 20 14.84 -9.13 24.51
C ALA B 20 14.80 -9.84 25.85
N LYS B 21 13.69 -9.79 26.58
CA LYS B 21 13.59 -10.49 27.86
C LYS B 21 14.01 -11.96 27.73
N LEU B 22 13.44 -12.67 26.75
CA LEU B 22 13.80 -14.08 26.52
C LEU B 22 15.29 -14.28 26.22
N LEU B 23 15.83 -13.47 25.30
CA LEU B 23 17.24 -13.57 24.92
C LEU B 23 18.13 -13.31 26.12
N HIS B 24 17.88 -12.23 26.86
CA HIS B 24 18.58 -11.89 28.10
C HIS B 24 18.41 -12.96 29.20
N ASP B 25 17.24 -13.61 29.29
CA ASP B 25 17.04 -14.71 30.26
C ASP B 25 17.87 -15.95 29.93
N SER B 26 18.25 -16.08 28.65
CA SER B 26 19.12 -17.15 28.16
C SER B 26 20.57 -16.88 28.41
N GLY B 27 20.93 -15.67 28.82
CA GLY B 27 22.33 -15.32 28.98
C GLY B 27 22.97 -14.43 27.92
N LEU B 28 22.30 -14.15 26.80
CA LEU B 28 22.88 -13.30 25.75
C LEU B 28 22.92 -11.81 26.07
N ASN B 29 23.83 -11.10 25.41
CA ASN B 29 23.87 -9.61 25.49
C ASN B 29 23.00 -8.92 24.47
N VAL B 30 21.94 -8.27 24.95
CA VAL B 30 20.96 -7.72 24.05
C VAL B 30 20.91 -6.24 24.20
N VAL B 31 20.81 -5.55 23.07
CA VAL B 31 20.51 -4.13 23.03
C VAL B 31 19.17 -3.95 22.32
N VAL B 32 18.31 -3.12 22.93
CA VAL B 32 17.08 -2.68 22.33
C VAL B 32 17.23 -1.25 21.80
N LEU B 33 17.02 -1.07 20.50
CA LEU B 33 17.10 0.28 19.91
C LEU B 33 15.70 0.84 19.62
N GLU B 34 15.33 1.93 20.30
CA GLU B 34 13.94 2.39 20.30
C GLU B 34 13.93 3.80 19.75
N ALA B 35 13.13 4.06 18.73
CA ALA B 35 13.11 5.36 18.05
C ALA B 35 12.56 6.52 18.88
N ARG B 36 11.62 6.20 19.78
CA ARG B 36 10.94 7.19 20.59
C ARG B 36 11.62 7.44 21.92
N ASP B 37 11.14 8.46 22.61
CA ASP B 37 11.58 8.79 23.95
C ASP B 37 10.90 7.93 25.01
N ARG B 38 10.23 6.86 24.56
CA ARG B 38 9.51 5.90 25.42
C ARG B 38 9.41 4.48 24.83
N VAL B 39 9.05 3.51 25.65
CA VAL B 39 8.74 2.15 25.18
C VAL B 39 7.21 1.99 25.11
N GLY B 40 6.75 0.96 24.40
CA GLY B 40 5.36 0.51 24.46
C GLY B 40 4.76 0.44 23.08
N GLY B 41 5.32 1.27 22.21
CA GLY B 41 4.89 1.38 20.85
C GLY B 41 3.43 1.74 20.70
N ARG B 42 2.71 0.81 20.10
CA ARG B 42 1.28 0.96 19.94
C ARG B 42 0.50 0.80 21.21
N THR B 43 1.17 0.53 22.36
CA THR B 43 0.52 0.68 23.65
C THR B 43 1.08 1.91 24.31
N TYR B 44 0.25 2.67 24.99
CA TYR B 44 0.70 3.86 25.68
C TYR B 44 -0.25 4.10 26.86
N THR B 45 0.29 4.14 28.09
CA THR B 45 -0.50 4.52 29.25
C THR B 45 -0.11 5.93 29.70
N LEU B 46 -1.06 6.86 29.57
CA LEU B 46 -0.96 8.20 30.13
C LEU B 46 -1.46 8.24 31.56
N ARG B 47 -0.67 8.90 32.41
CA ARG B 47 -1.06 9.16 33.82
C ARG B 47 -1.12 10.67 34.13
N ASN B 48 -2.24 11.09 34.69
CA ASN B 48 -2.43 12.45 35.23
C ASN B 48 -3.47 12.30 36.30
N GLN B 49 -3.78 13.40 37.00
CA GLN B 49 -4.57 13.27 38.22
C GLN B 49 -6.06 13.02 37.91
N LYS B 50 -6.44 13.40 36.69
CA LYS B 50 -7.82 13.43 36.25
C LYS B 50 -8.30 12.04 35.87
N VAL B 51 -7.45 11.30 35.16
CA VAL B 51 -7.76 9.98 34.68
C VAL B 51 -7.17 8.87 35.54
N LYS B 52 -6.26 9.24 36.46
CA LYS B 52 -5.31 8.37 37.18
C LYS B 52 -4.38 7.65 36.19
N TYR B 53 -4.93 6.80 35.33
CA TYR B 53 -4.17 6.17 34.25
C TYR B 53 -5.15 5.77 33.16
N VAL B 54 -4.71 5.77 31.90
CA VAL B 54 -5.56 5.35 30.81
C VAL B 54 -4.75 4.87 29.64
N ASP B 55 -5.19 3.76 29.03
CA ASP B 55 -4.57 3.22 27.84
C ASP B 55 -5.10 4.01 26.69
N LEU B 56 -4.21 4.68 25.95
CA LEU B 56 -4.60 5.38 24.73
C LEU B 56 -4.31 4.56 23.46
N GLY B 57 -3.74 3.38 23.67
CA GLY B 57 -3.39 2.46 22.59
C GLY B 57 -3.94 1.06 22.87
N GLY B 58 -3.20 0.00 22.51
CA GLY B 58 -3.67 -1.33 22.91
C GLY B 58 -4.09 -1.46 24.36
N SER B 59 -5.18 -2.17 24.63
CA SER B 59 -5.72 -2.22 25.99
C SER B 59 -6.33 -3.59 26.46
N TYR B 60 -7.12 -4.20 25.58
CA TYR B 60 -7.93 -5.34 25.94
C TYR B 60 -7.20 -6.64 25.81
N VAL B 61 -7.47 -7.52 26.78
CA VAL B 61 -6.99 -8.89 26.75
C VAL B 61 -8.13 -9.82 27.17
N GLY B 62 -8.07 -11.06 26.72
CA GLY B 62 -9.08 -11.99 27.13
C GLY B 62 -8.64 -13.41 26.90
N PRO B 63 -9.53 -14.34 27.23
CA PRO B 63 -9.21 -15.77 27.23
C PRO B 63 -8.71 -16.20 25.85
N THR B 64 -7.88 -17.24 25.83
CA THR B 64 -7.07 -17.73 24.67
C THR B 64 -5.79 -16.90 24.35
N GLN B 65 -5.66 -15.73 24.97
CA GLN B 65 -4.43 -14.94 24.85
C GLN B 65 -3.49 -15.26 26.03
N ASN B 66 -2.91 -16.47 26.04
CA ASN B 66 -2.20 -16.93 27.21
C ASN B 66 -0.75 -16.40 27.38
N ARG B 67 -0.17 -16.04 26.23
CA ARG B 67 1.18 -15.49 26.23
C ARG B 67 1.25 -14.11 26.89
N ILE B 68 0.38 -13.20 26.50
CA ILE B 68 0.32 -11.89 27.14
C ILE B 68 -0.12 -11.98 28.60
N LEU B 69 -1.08 -12.84 28.88
CA LEU B 69 -1.49 -13.10 30.26
C LEU B 69 -0.33 -13.53 31.13
N ARG B 70 0.51 -14.43 30.63
CA ARG B 70 1.60 -14.99 31.41
C ARG B 70 2.78 -14.02 31.56
N LEU B 71 3.20 -13.38 30.47
CA LEU B 71 4.26 -12.39 30.53
C LEU B 71 3.88 -11.27 31.46
N ALA B 72 2.65 -10.80 31.35
CA ALA B 72 2.18 -9.81 32.28
C ALA B 72 2.09 -10.31 33.74
N LYS B 73 1.63 -11.56 33.97
CA LYS B 73 1.57 -12.08 35.36
C LYS B 73 2.98 -12.13 35.97
N GLU B 74 3.93 -12.62 35.18
CA GLU B 74 5.33 -12.70 35.63
C GLU B 74 5.89 -11.30 35.96
N LEU B 75 5.51 -10.28 35.21
CA LEU B 75 5.90 -8.92 35.59
C LEU B 75 5.11 -8.27 36.73
N GLY B 76 4.19 -9.00 37.37
CA GLY B 76 3.45 -8.49 38.52
C GLY B 76 2.16 -7.71 38.31
N LEU B 77 1.61 -7.77 37.10
CA LEU B 77 0.35 -7.12 36.73
C LEU B 77 -0.91 -8.00 37.03
N GLU B 78 -2.03 -7.31 37.28
CA GLU B 78 -3.34 -7.97 37.36
C GLU B 78 -4.35 -7.45 36.30
N THR B 79 -5.32 -8.32 35.95
CA THR B 79 -6.46 -7.90 35.17
C THR B 79 -7.71 -7.69 36.03
N TYR B 80 -8.59 -6.85 35.50
CA TYR B 80 -9.98 -6.78 35.91
C TYR B 80 -10.85 -6.98 34.65
N LYS B 81 -12.12 -7.35 34.92
CA LYS B 81 -13.14 -7.58 33.92
C LYS B 81 -13.79 -6.25 33.47
N VAL B 82 -13.89 -6.05 32.13
CA VAL B 82 -14.61 -4.91 31.54
C VAL B 82 -16.10 -5.04 31.87
N ASN B 83 -16.74 -3.91 32.22
CA ASN B 83 -18.12 -3.95 32.66
C ASN B 83 -19.11 -4.39 31.56
N GLU B 84 -19.76 -5.53 31.81
CA GLU B 84 -20.81 -6.04 30.96
C GLU B 84 -21.96 -6.61 31.82
N VAL B 85 -22.19 -6.04 33.01
CA VAL B 85 -23.31 -6.54 33.84
C VAL B 85 -24.72 -6.15 33.29
N GLU B 86 -24.91 -4.89 32.87
CA GLU B 86 -26.18 -4.40 32.37
C GLU B 86 -26.35 -4.62 30.86
N ARG B 87 -27.38 -4.05 30.25
CA ARG B 87 -27.69 -4.34 28.85
C ARG B 87 -26.83 -3.55 27.85
N LEU B 88 -26.46 -4.23 26.77
CA LEU B 88 -25.80 -3.62 25.63
C LEU B 88 -26.86 -2.82 24.88
N ILE B 89 -26.43 -2.01 23.93
CA ILE B 89 -27.34 -1.22 23.14
C ILE B 89 -26.96 -1.35 21.67
N HIS B 90 -27.97 -1.68 20.85
CA HIS B 90 -27.86 -1.53 19.40
C HIS B 90 -28.65 -0.30 18.95
N HIS B 91 -27.96 0.74 18.55
CA HIS B 91 -28.61 1.92 18.02
C HIS B 91 -28.61 1.83 16.50
N VAL B 92 -29.82 1.80 15.95
CA VAL B 92 -29.97 1.60 14.52
C VAL B 92 -31.16 2.45 13.98
N LYS B 93 -30.91 3.16 12.86
CA LYS B 93 -31.80 4.16 12.30
C LYS B 93 -32.36 5.12 13.39
N GLY B 94 -31.42 5.76 14.11
CA GLY B 94 -31.75 6.80 15.06
C GLY B 94 -32.54 6.35 16.29
N LYS B 95 -32.48 5.08 16.63
CA LYS B 95 -33.27 4.58 17.75
C LYS B 95 -32.45 3.50 18.48
N SER B 96 -32.62 3.41 19.80
CA SER B 96 -31.81 2.51 20.62
C SER B 96 -32.53 1.23 21.09
N TYR B 97 -31.95 0.06 20.79
CA TYR B 97 -32.55 -1.22 21.11
C TYR B 97 -31.67 -2.00 22.09
N PRO B 98 -31.96 -1.89 23.39
CA PRO B 98 -31.19 -2.60 24.41
C PRO B 98 -31.38 -4.13 24.36
N PHE B 99 -30.31 -4.87 24.66
CA PHE B 99 -30.30 -6.32 24.61
C PHE B 99 -29.23 -6.91 25.54
N ARG B 100 -29.40 -8.16 25.93
CA ARG B 100 -28.35 -8.86 26.67
C ARG B 100 -27.87 -9.99 25.79
N GLY B 101 -26.84 -10.71 26.22
CA GLY B 101 -26.23 -11.75 25.41
C GLY B 101 -25.25 -11.01 24.52
N PRO B 102 -24.31 -11.73 23.90
CA PRO B 102 -23.29 -11.10 23.04
C PRO B 102 -23.76 -10.42 21.77
N PHE B 103 -24.90 -10.85 21.22
CA PHE B 103 -25.27 -10.44 19.86
C PHE B 103 -26.60 -9.77 19.85
N PRO B 104 -26.65 -8.65 19.12
CA PRO B 104 -27.89 -7.87 18.98
C PRO B 104 -28.95 -8.71 18.23
N PRO B 105 -30.14 -8.91 18.82
CA PRO B 105 -31.13 -9.83 18.22
C PRO B 105 -31.71 -9.28 16.91
N VAL B 106 -32.26 -10.17 16.11
CA VAL B 106 -32.80 -9.80 14.80
C VAL B 106 -34.19 -10.43 14.71
N TRP B 107 -35.18 -9.59 14.39
CA TRP B 107 -36.56 -10.01 14.50
C TRP B 107 -37.25 -10.52 13.22
N ASN B 108 -37.20 -9.70 12.17
CA ASN B 108 -37.67 -10.05 10.84
C ASN B 108 -37.00 -11.35 10.38
N PRO B 109 -37.79 -12.37 9.98
CA PRO B 109 -37.26 -13.74 9.76
C PRO B 109 -36.36 -13.88 8.57
N ILE B 110 -36.59 -13.10 7.52
CA ILE B 110 -35.71 -13.09 6.33
C ILE B 110 -34.33 -12.53 6.72
N THR B 111 -34.35 -11.38 7.40
CA THR B 111 -33.19 -10.77 8.03
C THR B 111 -32.46 -11.72 8.97
N TYR B 112 -33.19 -12.39 9.87
CA TYR B 112 -32.62 -13.42 10.74
C TYR B 112 -31.78 -14.44 9.99
N LEU B 113 -32.32 -14.94 8.87
CA LEU B 113 -31.64 -15.98 8.10
C LEU B 113 -30.36 -15.39 7.44
N ASP B 114 -30.45 -14.18 6.91
CA ASP B 114 -29.31 -13.46 6.33
C ASP B 114 -28.22 -13.19 7.36
N HIS B 115 -28.58 -12.69 8.53
CA HIS B 115 -27.59 -12.47 9.60
C HIS B 115 -26.94 -13.76 10.07
N ASN B 116 -27.75 -14.77 10.38
CA ASN B 116 -27.19 -16.04 10.85
C ASN B 116 -26.21 -16.62 9.82
N ASN B 117 -26.57 -16.49 8.56
CA ASN B 117 -25.77 -17.06 7.50
C ASN B 117 -24.45 -16.37 7.25
N PHE B 118 -24.43 -15.05 7.45
CA PHE B 118 -23.24 -14.28 7.18
C PHE B 118 -22.15 -14.60 8.19
N TRP B 119 -22.48 -14.48 9.49
CA TRP B 119 -21.57 -14.91 10.57
C TRP B 119 -21.10 -16.36 10.40
N ARG B 120 -22.02 -17.24 10.04
CA ARG B 120 -21.68 -18.65 9.84
C ARG B 120 -20.75 -18.91 8.67
N THR B 121 -20.95 -18.18 7.54
CA THR B 121 -20.07 -18.28 6.38
C THR B 121 -18.66 -17.79 6.62
N MET B 122 -18.53 -16.64 7.29
CA MET B 122 -17.22 -16.19 7.79
C MET B 122 -16.42 -17.33 8.47
N ASP B 123 -17.09 -18.04 9.41
CA ASP B 123 -16.41 -19.08 10.16
C ASP B 123 -16.14 -20.31 9.30
N ASP B 124 -17.09 -20.66 8.43
CA ASP B 124 -16.93 -21.75 7.45
C ASP B 124 -15.76 -21.44 6.53
N MET B 125 -15.71 -20.21 6.03
CA MET B 125 -14.63 -19.84 5.17
C MET B 125 -13.31 -19.93 5.92
N GLY B 126 -13.31 -19.52 7.19
CA GLY B 126 -12.08 -19.52 7.99
C GLY B 126 -11.48 -20.90 8.23
N ARG B 127 -12.33 -21.90 8.25
CA ARG B 127 -11.86 -23.25 8.55
C ARG B 127 -11.01 -23.85 7.43
N GLU B 128 -10.87 -23.15 6.31
CA GLU B 128 -10.14 -23.63 5.13
C GLU B 128 -8.88 -22.79 4.98
N ILE B 129 -8.69 -21.86 5.90
CA ILE B 129 -7.53 -20.98 5.90
C ILE B 129 -6.55 -21.36 7.00
N PRO B 130 -5.41 -21.94 6.63
CA PRO B 130 -4.37 -22.27 7.64
C PRO B 130 -3.76 -21.03 8.32
N SER B 131 -3.84 -20.98 9.66
CA SER B 131 -3.26 -19.92 10.49
C SER B 131 -1.82 -19.52 10.18
N ASP B 132 -0.97 -20.50 9.96
CA ASP B 132 0.42 -20.22 9.71
C ASP B 132 0.72 -20.03 8.21
N ALA B 133 -0.30 -20.15 7.36
CA ALA B 133 -0.09 -19.99 5.89
C ALA B 133 -1.40 -19.72 5.15
N PRO B 134 -1.92 -18.50 5.27
CA PRO B 134 -3.19 -18.19 4.63
C PRO B 134 -3.16 -18.34 3.11
N TRP B 135 -2.04 -18.04 2.47
CA TRP B 135 -1.93 -18.19 1.00
C TRP B 135 -2.03 -19.67 0.59
N LYS B 136 -2.18 -20.56 1.55
CA LYS B 136 -2.37 -21.96 1.20
C LYS B 136 -3.83 -22.45 1.31
N ALA B 137 -4.76 -21.55 1.67
CA ALA B 137 -6.18 -21.83 1.55
C ALA B 137 -6.48 -22.32 0.14
N PRO B 138 -7.36 -23.35 0.00
CA PRO B 138 -7.69 -23.89 -1.34
C PRO B 138 -8.04 -22.82 -2.37
N LEU B 139 -8.86 -21.85 -1.97
CA LEU B 139 -9.36 -20.76 -2.82
C LEU B 139 -8.63 -19.41 -2.53
N ALA B 140 -7.36 -19.54 -2.20
CA ALA B 140 -6.60 -18.42 -1.76
C ALA B 140 -6.64 -17.25 -2.75
N GLU B 141 -6.40 -17.51 -4.04
CA GLU B 141 -6.34 -16.44 -5.05
C GLU B 141 -7.68 -15.75 -5.19
N GLU B 142 -8.71 -16.58 -5.41
CA GLU B 142 -10.06 -16.09 -5.53
C GLU B 142 -10.41 -15.12 -4.37
N TRP B 143 -10.21 -15.54 -3.13
CA TRP B 143 -10.57 -14.75 -1.97
C TRP B 143 -9.69 -13.52 -1.82
N ASP B 144 -8.42 -13.65 -2.18
CA ASP B 144 -7.49 -12.53 -2.14
C ASP B 144 -7.71 -11.47 -3.25
N ASN B 145 -8.34 -11.86 -4.36
CA ASN B 145 -8.61 -10.96 -5.46
C ASN B 145 -9.87 -10.10 -5.36
N MET B 146 -10.46 -10.10 -4.17
CA MET B 146 -11.80 -9.61 -3.89
C MET B 146 -11.67 -8.73 -2.65
N THR B 147 -12.26 -7.55 -2.61
CA THR B 147 -12.31 -6.89 -1.31
C THR B 147 -13.38 -7.49 -0.40
N MET B 148 -13.38 -7.09 0.89
CA MET B 148 -14.42 -7.51 1.78
C MET B 148 -15.75 -6.92 1.31
N LYS B 149 -15.68 -5.75 0.63
CA LYS B 149 -16.89 -5.13 0.09
C LYS B 149 -17.56 -6.07 -0.92
N GLU B 150 -16.81 -6.56 -1.90
CA GLU B 150 -17.31 -7.58 -2.83
C GLU B 150 -17.88 -8.82 -2.13
N LEU B 151 -17.19 -9.36 -1.12
CA LEU B 151 -17.73 -10.49 -0.40
C LEU B 151 -19.12 -10.17 0.22
N LEU B 152 -19.17 -9.10 1.00
CA LEU B 152 -20.41 -8.64 1.61
C LEU B 152 -21.53 -8.40 0.59
N ASP B 153 -21.20 -7.88 -0.60
CA ASP B 153 -22.20 -7.70 -1.65
C ASP B 153 -22.78 -9.04 -2.12
N LYS B 154 -21.92 -10.04 -2.33
CA LYS B 154 -22.35 -11.42 -2.58
C LYS B 154 -23.17 -12.08 -1.46
N LEU B 155 -22.70 -12.03 -0.23
CA LEU B 155 -23.29 -12.84 0.83
C LEU B 155 -24.61 -12.28 1.38
N CYS B 156 -24.65 -10.97 1.48
CA CYS B 156 -25.68 -10.31 2.28
C CYS B 156 -26.88 -9.96 1.45
N TRP B 157 -27.99 -10.67 1.69
CA TRP B 157 -29.22 -10.40 0.91
C TRP B 157 -30.14 -9.30 1.51
N THR B 158 -29.80 -8.82 2.71
CA THR B 158 -30.47 -7.67 3.35
C THR B 158 -29.45 -6.59 3.65
N GLU B 159 -29.88 -5.33 3.53
CA GLU B 159 -29.04 -4.17 3.84
C GLU B 159 -28.67 -4.12 5.31
N SER B 160 -29.58 -4.58 6.18
CA SER B 160 -29.31 -4.65 7.60
C SER B 160 -28.11 -5.59 7.90
N ALA B 161 -28.02 -6.74 7.28
CA ALA B 161 -26.85 -7.56 7.52
C ALA B 161 -25.56 -6.88 6.96
N LYS B 162 -25.69 -6.21 5.81
CA LYS B 162 -24.53 -5.67 5.16
C LYS B 162 -23.94 -4.50 5.97
N GLN B 163 -24.83 -3.70 6.55
CA GLN B 163 -24.49 -2.58 7.42
C GLN B 163 -23.75 -3.10 8.67
N LEU B 164 -24.36 -4.06 9.36
CA LEU B 164 -23.77 -4.68 10.53
C LEU B 164 -22.41 -5.34 10.24
N ALA B 165 -22.30 -6.05 9.13
CA ALA B 165 -21.00 -6.65 8.73
C ALA B 165 -19.92 -5.57 8.45
N THR B 166 -20.32 -4.44 7.89
CA THR B 166 -19.42 -3.39 7.46
C THR B 166 -18.83 -2.68 8.69
N LEU B 167 -19.71 -2.44 9.64
CA LEU B 167 -19.33 -1.92 10.93
C LEU B 167 -18.37 -2.92 11.56
N PHE B 168 -18.73 -4.19 11.52
CA PHE B 168 -17.82 -5.24 12.03
C PHE B 168 -16.43 -5.13 11.37
N VAL B 169 -16.36 -5.01 10.06
CA VAL B 169 -15.06 -4.86 9.43
C VAL B 169 -14.35 -3.60 9.92
N ASN B 170 -15.07 -2.49 9.97
CA ASN B 170 -14.42 -1.23 10.35
C ASN B 170 -13.81 -1.29 11.79
N LEU B 171 -14.62 -1.79 12.73
CA LEU B 171 -14.23 -1.98 14.10
C LEU B 171 -13.05 -2.89 14.27
N CYS B 172 -13.12 -4.01 13.59
CA CYS B 172 -12.16 -5.07 13.77
C CYS B 172 -10.79 -4.73 13.16
N VAL B 173 -10.74 -4.06 12.00
CA VAL B 173 -9.46 -3.75 11.31
C VAL B 173 -9.20 -2.28 10.96
N THR B 174 -9.99 -1.38 11.53
CA THR B 174 -9.82 0.08 11.29
C THR B 174 -9.56 0.46 9.83
N ALA B 175 -10.37 -0.10 8.94
CA ALA B 175 -10.19 0.04 7.52
C ALA B 175 -11.53 -0.27 6.86
N GLU B 176 -11.68 0.20 5.62
CA GLU B 176 -12.96 0.20 4.95
C GLU B 176 -13.04 -1.15 4.27
N THR B 177 -14.26 -1.67 4.12
CA THR B 177 -14.45 -2.96 3.46
C THR B 177 -13.84 -3.02 2.06
N HIS B 178 -13.89 -1.92 1.30
CA HIS B 178 -13.32 -1.86 -0.05
C HIS B 178 -11.77 -1.78 -0.12
N GLU B 179 -11.12 -1.43 1.00
CA GLU B 179 -9.64 -1.35 1.04
C GLU B 179 -8.94 -2.70 1.34
N VAL B 180 -9.67 -3.69 1.88
CA VAL B 180 -9.07 -4.93 2.42
C VAL B 180 -9.35 -6.18 1.62
N SER B 181 -8.34 -7.04 1.47
CA SER B 181 -8.48 -8.36 0.91
C SER B 181 -9.49 -9.19 1.71
N ALA B 182 -10.32 -9.96 1.02
CA ALA B 182 -11.27 -10.86 1.66
C ALA B 182 -10.52 -11.97 2.37
N LEU B 183 -9.60 -12.61 1.65
CA LEU B 183 -8.71 -13.61 2.22
C LEU B 183 -8.12 -13.14 3.54
N TRP B 184 -7.51 -11.96 3.51
CA TRP B 184 -6.76 -11.46 4.64
C TRP B 184 -7.68 -11.28 5.89
N PHE B 185 -8.89 -10.76 5.67
CA PHE B 185 -9.75 -10.41 6.78
C PHE B 185 -10.32 -11.71 7.38
N LEU B 186 -10.57 -12.67 6.50
CA LEU B 186 -11.11 -13.95 6.88
C LEU B 186 -10.06 -14.69 7.67
N TRP B 187 -8.80 -14.48 7.32
CA TRP B 187 -7.71 -15.10 8.04
C TRP B 187 -7.58 -14.43 9.42
N TYR B 188 -7.65 -13.12 9.40
CA TYR B 188 -7.49 -12.35 10.61
C TYR B 188 -8.51 -12.79 11.66
N VAL B 189 -9.74 -13.07 11.23
CA VAL B 189 -10.80 -13.42 12.19
C VAL B 189 -10.58 -14.86 12.72
N LYS B 190 -10.38 -15.83 11.81
CA LYS B 190 -10.08 -17.22 12.17
C LYS B 190 -8.90 -17.35 13.15
N GLN B 191 -7.78 -16.66 12.87
CA GLN B 191 -6.60 -16.71 13.72
C GLN B 191 -6.80 -16.10 15.13
N CYS B 192 -7.93 -15.43 15.36
CA CYS B 192 -8.33 -15.01 16.70
C CYS B 192 -9.34 -16.00 17.37
N GLY B 193 -9.55 -17.17 16.76
CA GLY B 193 -10.56 -18.11 17.23
C GLY B 193 -11.99 -17.96 16.67
N GLY B 194 -12.17 -17.17 15.59
CA GLY B 194 -13.47 -17.01 14.98
C GLY B 194 -14.26 -15.81 15.46
N THR B 195 -15.41 -15.57 14.86
CA THR B 195 -16.16 -14.32 15.06
C THR B 195 -16.62 -14.08 16.48
N THR B 196 -17.10 -15.13 17.15
CA THR B 196 -17.63 -14.98 18.52
C THR B 196 -16.53 -14.60 19.50
N ARG B 197 -15.42 -15.32 19.38
CA ARG B 197 -14.26 -15.04 20.19
C ARG B 197 -13.77 -13.61 19.99
N ILE B 198 -13.68 -13.14 18.75
CA ILE B 198 -13.08 -11.83 18.49
C ILE B 198 -14.00 -10.66 18.89
N ILE B 199 -15.32 -10.88 18.92
CA ILE B 199 -16.19 -9.74 19.12
C ILE B 199 -16.70 -9.67 20.57
N SER B 200 -16.56 -10.76 21.30
CA SER B 200 -17.15 -10.80 22.64
C SER B 200 -16.36 -10.01 23.68
N THR B 201 -17.08 -9.55 24.70
CA THR B 201 -16.47 -9.06 25.90
C THR B 201 -16.33 -10.29 26.78
N THR B 202 -17.43 -10.68 27.45
CA THR B 202 -17.40 -11.88 28.27
C THR B 202 -16.96 -13.00 27.39
N ASN B 203 -15.88 -13.69 27.76
CA ASN B 203 -15.40 -14.83 26.99
C ASN B 203 -14.73 -14.51 25.64
N GLY B 204 -14.30 -13.27 25.43
CA GLY B 204 -13.61 -12.96 24.19
C GLY B 204 -12.46 -11.96 24.29
N GLY B 205 -11.99 -11.49 23.14
CA GLY B 205 -10.92 -10.51 23.10
C GLY B 205 -11.10 -9.25 23.93
N GLN B 206 -12.33 -8.94 24.34
CA GLN B 206 -12.56 -7.72 25.12
C GLN B 206 -12.90 -7.96 26.59
N GLU B 207 -12.62 -9.13 27.12
CA GLU B 207 -13.03 -9.42 28.50
C GLU B 207 -12.39 -8.50 29.55
N ARG B 208 -11.11 -8.18 29.34
CA ARG B 208 -10.29 -7.64 30.39
C ARG B 208 -9.33 -6.56 29.98
N LYS B 209 -8.92 -5.78 31.00
CA LYS B 209 -7.77 -4.84 30.94
C LYS B 209 -6.81 -4.99 32.10
N PHE B 210 -5.61 -4.43 31.92
CA PHE B 210 -4.58 -4.48 32.96
C PHE B 210 -4.81 -3.38 33.96
N VAL B 211 -4.82 -3.77 35.24
CA VAL B 211 -4.94 -2.82 36.33
C VAL B 211 -3.67 -1.99 36.23
N GLY B 212 -3.83 -0.69 35.99
CA GLY B 212 -2.68 0.18 35.81
C GLY B 212 -2.31 0.50 34.36
N GLY B 213 -2.96 -0.16 33.39
CA GLY B 213 -2.62 0.03 31.98
C GLY B 213 -1.66 -1.01 31.41
N SER B 214 -1.85 -1.34 30.15
CA SER B 214 -0.96 -2.24 29.39
C SER B 214 0.46 -1.67 29.15
N GLY B 215 0.63 -0.37 29.24
CA GLY B 215 1.98 0.19 29.12
C GLY B 215 3.04 -0.34 30.10
N GLN B 216 2.59 -0.86 31.25
CA GLN B 216 3.49 -1.44 32.25
C GLN B 216 4.22 -2.69 31.74
N VAL B 217 3.65 -3.44 30.81
CA VAL B 217 4.35 -4.56 30.19
C VAL B 217 5.69 -4.12 29.57
N SER B 218 5.69 -3.05 28.80
CA SER B 218 6.89 -2.63 28.13
C SER B 218 7.85 -1.97 29.08
N GLU B 219 7.29 -1.08 29.90
CA GLU B 219 7.96 -0.41 31.00
C GLU B 219 8.73 -1.39 31.92
N ARG B 220 8.05 -2.43 32.44
CA ARG B 220 8.65 -3.31 33.41
C ARG B 220 9.78 -4.12 32.81
N ILE B 221 9.65 -4.47 31.53
CA ILE B 221 10.74 -5.17 30.88
C ILE B 221 11.96 -4.25 30.71
N MET B 222 11.73 -2.95 30.54
CA MET B 222 12.81 -2.00 30.45
C MET B 222 13.48 -1.82 31.82
N ASP B 223 12.67 -1.83 32.86
CA ASP B 223 13.16 -1.98 34.25
C ASP B 223 14.13 -3.17 34.43
N LEU B 224 13.71 -4.37 34.01
CA LEU B 224 14.58 -5.53 34.09
C LEU B 224 15.88 -5.30 33.31
N LEU B 225 15.76 -4.74 32.10
CA LEU B 225 16.91 -4.72 31.19
C LEU B 225 17.85 -3.54 31.48
N GLY B 226 17.38 -2.64 32.34
CA GLY B 226 18.12 -1.43 32.65
C GLY B 226 18.62 -0.71 31.41
N ASP B 227 19.92 -0.47 31.38
CA ASP B 227 20.53 0.41 30.36
C ASP B 227 20.75 -0.24 28.98
N ARG B 228 20.33 -1.51 28.83
CA ARG B 228 20.33 -2.20 27.53
C ARG B 228 19.24 -1.64 26.55
N VAL B 229 18.34 -0.81 27.06
CA VAL B 229 17.33 -0.17 26.26
C VAL B 229 17.81 1.28 25.92
N LYS B 230 18.00 1.58 24.65
CA LYS B 230 18.40 2.92 24.23
C LYS B 230 17.25 3.72 23.61
N LEU B 231 16.81 4.75 24.30
CA LEU B 231 15.66 5.55 23.87
C LEU B 231 16.15 6.63 22.93
N GLU B 232 15.28 7.09 22.05
CA GLU B 232 15.62 8.05 20.99
C GLU B 232 16.79 7.57 20.06
N ARG B 233 16.77 6.28 19.74
CA ARG B 233 17.66 5.68 18.74
C ARG B 233 16.87 5.09 17.51
N PRO B 234 16.33 5.95 16.65
CA PRO B 234 15.73 5.46 15.40
C PRO B 234 16.83 4.75 14.58
N VAL B 235 16.61 3.50 14.18
CA VAL B 235 17.56 2.78 13.35
C VAL B 235 17.38 3.26 11.94
N ILE B 236 18.49 3.59 11.27
CA ILE B 236 18.51 4.22 9.95
C ILE B 236 19.18 3.36 8.88
N TYR B 237 19.90 2.34 9.30
CA TYR B 237 20.84 1.70 8.43
C TYR B 237 21.26 0.36 9.01
N ILE B 238 21.20 -0.64 8.17
CA ILE B 238 21.69 -1.95 8.56
C ILE B 238 22.63 -2.54 7.48
N ASP B 239 23.84 -2.89 7.90
CA ASP B 239 24.87 -3.48 7.02
C ASP B 239 25.08 -4.96 7.38
N GLN B 240 24.87 -5.84 6.42
CA GLN B 240 25.11 -7.27 6.64
C GLN B 240 26.27 -7.81 5.79
N THR B 241 27.06 -6.93 5.15
CA THR B 241 28.09 -7.36 4.18
C THR B 241 29.32 -7.91 4.86
N ARG B 242 29.58 -7.42 6.07
CA ARG B 242 30.73 -7.85 6.88
C ARG B 242 30.36 -9.00 7.85
N GLU B 243 31.34 -9.45 8.61
CA GLU B 243 31.20 -10.64 9.47
C GLU B 243 30.11 -10.47 10.55
N ASN B 244 30.23 -9.39 11.33
CA ASN B 244 29.19 -8.97 12.26
C ASN B 244 28.29 -7.90 11.65
N VAL B 245 26.98 -7.97 11.97
CA VAL B 245 25.97 -7.01 11.49
C VAL B 245 26.18 -5.63 12.12
N LEU B 246 26.15 -4.58 11.29
CA LEU B 246 26.33 -3.20 11.78
C LEU B 246 25.03 -2.44 11.67
N VAL B 247 24.54 -1.93 12.80
CA VAL B 247 23.25 -1.23 12.84
C VAL B 247 23.53 0.19 13.25
N GLU B 248 23.19 1.16 12.38
CA GLU B 248 23.40 2.56 12.72
C GLU B 248 22.10 3.29 13.13
N THR B 249 22.22 4.25 14.03
CA THR B 249 21.05 5.05 14.43
C THR B 249 21.16 6.50 13.95
N LEU B 250 20.04 7.24 14.02
CA LEU B 250 19.93 8.61 13.53
C LEU B 250 20.80 9.57 14.32
N ASN B 251 20.77 9.40 15.64
CA ASN B 251 21.59 10.20 16.54
C ASN B 251 23.08 9.84 16.45
N HIS B 252 23.45 8.95 15.51
CA HIS B 252 24.84 8.74 15.06
C HIS B 252 25.68 7.61 15.71
N GLU B 253 25.06 6.80 16.56
CA GLU B 253 25.74 5.66 17.17
C GLU B 253 25.77 4.46 16.27
N MET B 254 26.73 3.58 16.50
CA MET B 254 26.90 2.36 15.75
C MET B 254 26.84 1.17 16.72
N TYR B 255 26.21 0.09 16.30
CA TYR B 255 26.03 -1.11 17.13
C TYR B 255 26.47 -2.27 16.27
N GLU B 256 26.95 -3.33 16.91
CA GLU B 256 27.51 -4.45 16.20
C GLU B 256 27.00 -5.71 16.89
N ALA B 257 26.55 -6.67 16.09
CA ALA B 257 25.97 -7.87 16.64
C ALA B 257 26.07 -9.05 15.68
N LYS B 258 25.79 -10.22 16.22
CA LYS B 258 25.74 -11.42 15.45
C LYS B 258 24.39 -11.44 14.75
N TYR B 259 23.36 -10.89 15.41
CA TYR B 259 21.97 -11.02 14.95
C TYR B 259 21.11 -9.78 15.23
N VAL B 260 20.11 -9.56 14.35
CA VAL B 260 19.15 -8.49 14.49
C VAL B 260 17.76 -9.09 14.51
N ILE B 261 16.93 -8.57 15.41
CA ILE B 261 15.50 -8.79 15.34
C ILE B 261 14.91 -7.43 15.00
N SER B 262 14.05 -7.45 13.97
CA SER B 262 13.23 -6.30 13.57
C SER B 262 11.81 -6.50 14.16
N ALA B 263 11.49 -5.62 15.09
CA ALA B 263 10.23 -5.66 15.88
C ALA B 263 9.41 -4.40 15.62
N ILE B 264 9.23 -4.09 14.35
CA ILE B 264 8.51 -2.93 13.92
C ILE B 264 7.41 -3.36 12.94
N PRO B 265 6.39 -2.52 12.76
CA PRO B 265 5.49 -2.68 11.61
C PRO B 265 6.28 -2.95 10.32
N PRO B 266 5.89 -3.98 9.56
CA PRO B 266 6.53 -4.31 8.26
C PRO B 266 6.80 -3.07 7.43
N THR B 267 5.79 -2.23 7.25
CA THR B 267 6.08 -1.08 6.40
C THR B 267 7.15 -0.12 6.97
N LEU B 268 7.35 -0.13 8.31
CA LEU B 268 8.29 0.78 8.89
C LEU B 268 9.72 0.36 8.63
N GLY B 269 9.90 -0.87 8.17
CA GLY B 269 11.14 -1.26 7.54
C GLY B 269 11.65 -0.28 6.48
N MET B 270 10.74 0.42 5.79
CA MET B 270 11.12 1.42 4.78
C MET B 270 12.06 2.52 5.33
N LYS B 271 11.90 2.82 6.62
CA LYS B 271 12.70 3.85 7.30
C LYS B 271 14.21 3.51 7.48
N ILE B 272 14.63 2.38 6.94
CA ILE B 272 15.95 1.84 7.15
C ILE B 272 16.57 1.59 5.78
N HIS B 273 17.78 2.10 5.57
CA HIS B 273 18.53 1.74 4.36
C HIS B 273 19.33 0.48 4.53
N PHE B 274 19.29 -0.43 3.55
CA PHE B 274 19.89 -1.76 3.73
C PHE B 274 21.08 -1.97 2.78
N ASN B 275 22.04 -2.75 3.24
CA ASN B 275 23.25 -3.09 2.46
C ASN B 275 23.62 -4.47 2.98
N PRO B 276 23.50 -5.50 2.12
CA PRO B 276 23.12 -5.31 0.70
C PRO B 276 21.64 -4.88 0.63
N PRO B 277 21.16 -4.46 -0.55
CA PRO B 277 19.72 -4.21 -0.69
C PRO B 277 18.94 -5.47 -0.31
N LEU B 278 17.74 -5.30 0.29
CA LEU B 278 16.80 -6.40 0.53
C LEU B 278 16.52 -7.21 -0.74
N PRO B 279 16.24 -8.50 -0.62
CA PRO B 279 15.72 -9.25 -1.79
C PRO B 279 14.46 -8.53 -2.37
N MET B 280 14.14 -8.82 -3.63
CA MET B 280 13.06 -8.15 -4.35
C MET B 280 11.70 -8.27 -3.61
N MET B 281 11.31 -9.49 -3.24
CA MET B 281 10.00 -9.67 -2.61
C MET B 281 9.81 -8.83 -1.37
N ARG B 282 10.77 -8.86 -0.46
CA ARG B 282 10.64 -8.03 0.74
C ARG B 282 10.76 -6.54 0.39
N ASN B 283 11.64 -6.19 -0.58
CA ASN B 283 11.83 -4.79 -0.98
C ASN B 283 10.53 -4.15 -1.35
N GLN B 284 9.74 -4.87 -2.17
CA GLN B 284 8.39 -4.42 -2.57
C GLN B 284 7.30 -4.60 -1.48
N MET B 285 7.33 -5.72 -0.78
CA MET B 285 6.33 -6.03 0.24
C MET B 285 6.15 -4.92 1.25
N ILE B 286 7.27 -4.36 1.74
CA ILE B 286 7.21 -3.31 2.73
C ILE B 286 6.65 -1.96 2.22
N THR B 287 6.22 -1.94 0.95
CA THR B 287 5.55 -0.76 0.42
C THR B 287 4.09 -1.04 0.20
N ARG B 288 3.69 -2.28 0.42
CA ARG B 288 2.34 -2.72 0.04
C ARG B 288 1.40 -2.96 1.24
N VAL B 289 1.77 -2.49 2.42
CA VAL B 289 1.10 -3.02 3.65
C VAL B 289 0.89 -1.90 4.65
N PRO B 290 -0.13 -1.08 4.40
CA PRO B 290 -0.39 0.09 5.24
C PRO B 290 -0.99 -0.39 6.57
N LEU B 291 -1.16 0.55 7.52
CA LEU B 291 -1.87 0.28 8.78
C LEU B 291 -3.13 1.16 8.80
N GLY B 292 -4.16 0.69 9.52
CA GLY B 292 -5.47 1.34 9.47
C GLY B 292 -5.46 2.64 10.24
N SER B 293 -6.58 3.32 10.27
CA SER B 293 -6.62 4.64 10.86
C SER B 293 -7.70 4.61 11.94
N VAL B 294 -7.36 5.10 13.13
CA VAL B 294 -8.24 5.15 14.26
C VAL B 294 -7.84 6.30 15.21
N ILE B 295 -8.86 6.88 15.87
CA ILE B 295 -8.67 7.77 17.02
C ILE B 295 -9.33 7.11 18.23
N LYS B 296 -8.56 6.95 19.29
CA LYS B 296 -9.08 6.40 20.50
C LYS B 296 -9.46 7.54 21.44
N CYS B 297 -10.75 7.57 21.83
CA CYS B 297 -11.32 8.63 22.62
C CYS B 297 -11.98 8.10 23.91
N ILE B 298 -11.68 8.78 25.02
CA ILE B 298 -12.25 8.44 26.33
C ILE B 298 -12.78 9.70 27.01
N VAL B 299 -14.11 9.73 27.21
CA VAL B 299 -14.85 10.82 27.85
C VAL B 299 -15.16 10.42 29.30
N TYR B 300 -14.71 11.25 30.24
CA TYR B 300 -14.91 11.09 31.70
C TYR B 300 -16.22 11.72 32.19
N TYR B 301 -16.82 11.08 33.18
CA TYR B 301 -18.07 11.56 33.82
C TYR B 301 -17.94 11.41 35.30
N LYS B 302 -18.65 12.25 36.07
CA LYS B 302 -18.55 12.23 37.51
C LYS B 302 -19.03 10.86 38.07
N GLU B 303 -19.90 10.18 37.33
CA GLU B 303 -20.40 8.86 37.72
C GLU B 303 -20.71 8.01 36.52
N PRO B 304 -20.78 6.69 36.70
CA PRO B 304 -21.17 5.79 35.60
C PRO B 304 -22.68 5.71 35.43
N PHE B 305 -23.25 6.81 34.95
CA PHE B 305 -24.69 7.09 35.04
C PHE B 305 -25.53 6.08 34.25
N TRP B 306 -24.96 5.60 33.15
CA TRP B 306 -25.61 4.59 32.35
C TRP B 306 -26.01 3.31 33.13
N ARG B 307 -25.20 2.95 34.11
CA ARG B 307 -25.51 1.80 34.95
C ARG B 307 -26.87 1.90 35.65
N LYS B 308 -27.25 3.11 36.05
CA LYS B 308 -28.54 3.33 36.73
C LYS B 308 -29.74 3.10 35.82
N LYS B 309 -29.57 3.28 34.51
CA LYS B 309 -30.61 3.04 33.50
C LYS B 309 -30.52 1.59 33.00
N ASP B 310 -29.70 0.79 33.69
CA ASP B 310 -29.49 -0.61 33.32
C ASP B 310 -28.85 -0.78 31.93
N TYR B 311 -27.93 0.12 31.60
CA TYR B 311 -27.00 -0.07 30.49
C TYR B 311 -25.57 -0.35 31.02
N CYS B 312 -24.83 -1.27 30.38
CA CYS B 312 -23.42 -1.47 30.73
C CYS B 312 -22.44 -0.40 30.19
N GLY B 313 -22.73 0.20 29.04
CA GLY B 313 -21.84 1.18 28.46
C GLY B 313 -21.42 0.77 27.06
N THR B 314 -21.70 -0.47 26.71
CA THR B 314 -21.44 -0.98 25.36
C THR B 314 -22.50 -0.48 24.38
N MET B 315 -22.09 0.29 23.40
CA MET B 315 -22.98 0.73 22.33
C MET B 315 -22.44 0.30 20.99
N ILE B 316 -23.34 -0.32 20.21
CA ILE B 316 -23.09 -0.58 18.79
C ILE B 316 -23.96 0.39 18.03
N ILE B 317 -23.31 1.38 17.39
CA ILE B 317 -24.05 2.51 16.84
C ILE B 317 -23.94 2.50 15.35
N ASP B 318 -25.07 2.36 14.66
CA ASP B 318 -25.07 2.45 13.21
C ASP B 318 -25.13 3.83 12.52
N GLY B 319 -24.75 3.85 11.24
CA GLY B 319 -24.90 5.00 10.36
C GLY B 319 -23.64 5.80 10.11
N GLU B 320 -23.66 6.61 9.07
CA GLU B 320 -22.54 7.44 8.65
C GLU B 320 -22.37 8.64 9.57
N GLU B 321 -23.45 9.09 10.22
CA GLU B 321 -23.43 10.39 10.90
C GLU B 321 -22.68 10.25 12.22
N ALA B 322 -22.71 9.04 12.78
CA ALA B 322 -22.13 8.80 14.08
C ALA B 322 -20.59 8.81 14.00
N PRO B 323 -19.92 9.67 14.78
CA PRO B 323 -18.45 9.71 14.73
C PRO B 323 -17.87 8.39 15.24
N VAL B 324 -18.56 7.78 16.19
CA VAL B 324 -18.03 6.62 16.90
C VAL B 324 -19.01 5.50 16.69
N ALA B 325 -18.54 4.37 16.21
CA ALA B 325 -19.45 3.27 15.95
C ALA B 325 -19.54 2.22 17.09
N TYR B 326 -18.57 2.24 18.01
CA TYR B 326 -18.48 1.26 19.09
C TYR B 326 -17.95 1.83 20.40
N THR B 327 -18.64 1.54 21.50
CA THR B 327 -18.13 1.97 22.77
C THR B 327 -18.06 0.85 23.73
N LEU B 328 -17.25 1.09 24.79
CA LEU B 328 -17.19 0.24 25.97
C LEU B 328 -17.08 1.13 27.20
N ASP B 329 -17.64 0.63 28.30
CA ASP B 329 -17.39 1.18 29.65
C ASP B 329 -15.89 1.19 29.92
N ASP B 330 -15.33 2.35 30.32
CA ASP B 330 -13.90 2.40 30.65
C ASP B 330 -13.65 2.76 32.14
N THR B 331 -14.70 2.69 32.94
CA THR B 331 -14.62 2.93 34.39
C THR B 331 -13.67 1.96 35.05
N LYS B 332 -12.93 2.42 36.07
CA LYS B 332 -12.00 1.58 36.85
C LYS B 332 -12.72 0.50 37.64
N PRO B 333 -12.03 -0.57 38.01
CA PRO B 333 -12.66 -1.66 38.80
C PRO B 333 -13.36 -1.13 40.06
N GLU B 334 -12.79 -0.10 40.69
CA GLU B 334 -13.32 0.46 41.94
C GLU B 334 -14.70 1.15 41.78
N GLY B 335 -15.11 1.38 40.52
CA GLY B 335 -16.33 2.14 40.26
C GLY B 335 -16.12 3.63 40.08
N ASN B 336 -14.86 4.07 40.01
CA ASN B 336 -14.59 5.51 39.82
C ASN B 336 -13.81 5.87 38.56
N TYR B 337 -13.66 7.18 38.31
CA TYR B 337 -13.24 7.75 37.02
C TYR B 337 -14.14 7.20 35.93
N ALA B 338 -15.44 7.28 36.15
CA ALA B 338 -16.41 6.87 35.14
C ALA B 338 -15.98 7.41 33.75
N ALA B 339 -16.07 6.55 32.76
CA ALA B 339 -15.64 6.85 31.40
C ALA B 339 -16.22 5.89 30.36
N ILE B 340 -16.50 6.46 29.19
CA ILE B 340 -16.89 5.71 27.99
C ILE B 340 -15.69 5.83 27.05
N MET B 341 -15.20 4.67 26.59
CA MET B 341 -14.19 4.64 25.55
C MET B 341 -14.88 4.44 24.21
N GLY B 342 -14.44 5.20 23.19
CA GLY B 342 -14.96 5.05 21.83
C GLY B 342 -13.88 5.12 20.75
N PHE B 343 -14.08 4.40 19.64
CA PHE B 343 -13.14 4.48 18.50
C PHE B 343 -13.76 5.24 17.36
N ILE B 344 -13.02 6.19 16.79
CA ILE B 344 -13.46 6.84 15.55
C ILE B 344 -12.67 6.14 14.46
N LEU B 345 -13.38 5.44 13.58
CA LEU B 345 -12.75 4.41 12.73
C LEU B 345 -12.60 4.81 11.27
N ALA B 346 -11.49 4.40 10.67
CA ALA B 346 -11.35 4.38 9.21
C ALA B 346 -11.48 5.79 8.59
N HIS B 347 -12.33 5.97 7.57
CA HIS B 347 -12.46 7.30 6.96
C HIS B 347 -12.95 8.37 7.91
N LYS B 348 -13.61 7.97 9.00
CA LYS B 348 -14.06 8.95 9.99
C LYS B 348 -12.89 9.46 10.79
N ALA B 349 -11.85 8.64 10.93
CA ALA B 349 -10.66 9.14 11.61
C ALA B 349 -10.05 10.25 10.75
N ARG B 350 -10.04 10.08 9.43
CA ARG B 350 -9.43 11.07 8.50
C ARG B 350 -10.22 12.34 8.39
N LYS B 351 -11.55 12.23 8.28
CA LYS B 351 -12.45 13.38 8.29
C LYS B 351 -12.43 14.19 9.56
N LEU B 352 -12.73 13.55 10.69
CA LEU B 352 -12.83 14.22 11.98
C LEU B 352 -11.49 14.72 12.57
N ALA B 353 -10.38 14.32 11.99
CA ALA B 353 -9.06 14.84 12.41
C ALA B 353 -8.88 16.32 12.12
N ARG B 354 -9.70 16.86 11.24
CA ARG B 354 -9.62 18.26 10.83
C ARG B 354 -10.11 19.15 11.95
N LEU B 355 -11.11 18.66 12.71
CA LEU B 355 -11.70 19.39 13.83
C LEU B 355 -10.70 19.50 14.98
N THR B 356 -11.05 20.30 15.99
CA THR B 356 -10.30 20.40 17.23
C THR B 356 -10.72 19.32 18.21
N LYS B 357 -9.85 19.13 19.20
CA LYS B 357 -10.09 18.27 20.36
C LYS B 357 -11.48 18.51 20.95
N GLU B 358 -11.82 19.80 21.16
CA GLU B 358 -13.08 20.24 21.75
C GLU B 358 -14.24 19.91 20.83
N GLU B 359 -14.11 20.20 19.52
CA GLU B 359 -15.18 19.87 18.58
C GLU B 359 -15.46 18.35 18.55
N ARG B 360 -14.44 17.54 18.77
CA ARG B 360 -14.62 16.12 18.81
C ARG B 360 -15.30 15.70 20.11
N LEU B 361 -14.95 16.34 21.22
CA LEU B 361 -15.58 16.09 22.49
C LEU B 361 -17.09 16.29 22.39
N LYS B 362 -17.47 17.41 21.82
CA LYS B 362 -18.87 17.78 21.69
C LYS B 362 -19.64 16.75 20.81
N LYS B 363 -19.10 16.49 19.61
CA LYS B 363 -19.75 15.53 18.71
C LYS B 363 -20.02 14.19 19.42
N LEU B 364 -19.13 13.83 20.36
CA LEU B 364 -19.21 12.56 21.07
C LEU B 364 -20.23 12.54 22.20
N CYS B 365 -20.22 13.58 23.01
CA CYS B 365 -21.21 13.81 24.05
C CYS B 365 -22.63 13.83 23.52
N GLU B 366 -22.82 14.54 22.40
CA GLU B 366 -24.12 14.59 21.75
C GLU B 366 -24.58 13.22 21.25
N LEU B 367 -23.70 12.49 20.59
CA LEU B 367 -24.01 11.10 20.24
C LEU B 367 -24.41 10.17 21.44
N TYR B 368 -23.59 10.19 22.49
CA TYR B 368 -23.85 9.36 23.67
C TYR B 368 -25.15 9.74 24.38
N ALA B 369 -25.43 11.06 24.42
CA ALA B 369 -26.66 11.54 25.00
C ALA B 369 -27.79 10.95 24.23
N LYS B 370 -27.70 11.04 22.92
CA LYS B 370 -28.70 10.50 22.03
C LYS B 370 -28.77 8.97 22.29
N VAL B 371 -27.64 8.29 22.24
CA VAL B 371 -27.74 6.84 22.26
C VAL B 371 -28.14 6.25 23.64
N LEU B 372 -27.62 6.84 24.71
CA LEU B 372 -27.98 6.39 26.05
C LEU B 372 -29.22 7.05 26.56
N GLY B 373 -29.71 8.02 25.77
CA GLY B 373 -30.92 8.74 26.13
C GLY B 373 -30.76 9.44 27.46
N SER B 374 -29.58 10.05 27.71
CA SER B 374 -29.33 10.83 28.94
C SER B 374 -28.59 12.16 28.74
N LEU B 375 -29.15 13.21 29.34
CA LEU B 375 -28.57 14.53 29.36
C LEU B 375 -27.23 14.53 30.06
N GLU B 376 -27.03 13.58 30.97
CA GLU B 376 -25.82 13.56 31.76
C GLU B 376 -24.59 13.45 30.88
N ALA B 377 -24.80 12.91 29.67
CA ALA B 377 -23.75 12.68 28.67
C ALA B 377 -23.21 13.97 28.09
N LEU B 378 -23.96 15.06 28.28
CA LEU B 378 -23.56 16.36 27.84
C LEU B 378 -22.69 17.04 28.88
N GLU B 379 -22.50 16.37 30.02
CA GLU B 379 -21.75 16.96 31.15
C GLU B 379 -20.39 16.29 31.51
N PRO B 380 -19.44 16.25 30.56
CA PRO B 380 -18.14 15.56 30.76
C PRO B 380 -17.25 16.29 31.79
N VAL B 381 -16.40 15.57 32.54
CA VAL B 381 -15.54 16.18 33.55
C VAL B 381 -14.09 16.25 32.99
N HIS B 382 -13.80 15.40 32.00
CA HIS B 382 -12.50 15.31 31.37
C HIS B 382 -12.60 14.55 30.02
N TYR B 383 -11.58 14.75 29.17
CA TYR B 383 -11.46 14.09 27.88
C TYR B 383 -10.00 13.80 27.50
N GLU B 384 -9.74 12.59 26.98
CA GLU B 384 -8.47 12.22 26.40
C GLU B 384 -8.64 11.46 25.09
N GLU B 385 -7.76 11.74 24.13
CA GLU B 385 -7.83 11.12 22.82
C GLU B 385 -6.44 10.95 22.23
N LYS B 386 -6.24 9.92 21.40
CA LYS B 386 -5.04 9.82 20.59
C LYS B 386 -5.36 9.40 19.17
N ASN B 387 -4.86 10.21 18.23
CA ASN B 387 -4.95 9.89 16.84
C ASN B 387 -3.75 9.15 16.36
N TRP B 388 -3.85 7.84 16.19
CA TRP B 388 -2.66 7.08 15.84
C TRP B 388 -2.14 7.32 14.43
N CYS B 389 -2.92 7.99 13.59
CA CYS B 389 -2.55 8.25 12.21
C CYS B 389 -1.36 9.18 12.11
N GLU B 390 -1.12 9.94 13.17
CA GLU B 390 -0.10 10.99 13.04
C GLU B 390 1.28 10.54 13.44
N GLU B 391 1.38 9.27 13.89
CA GLU B 391 2.57 8.65 14.45
C GLU B 391 3.56 8.10 13.39
N GLN B 392 4.66 8.81 13.20
CA GLN B 392 5.74 8.37 12.33
C GLN B 392 6.27 6.96 12.65
N TYR B 393 6.34 6.59 13.94
CA TYR B 393 6.92 5.28 14.29
C TYR B 393 5.91 4.19 14.62
N SER B 394 4.63 4.43 14.29
CA SER B 394 3.63 3.39 14.27
C SER B 394 3.07 3.25 12.85
N GLY B 395 2.74 4.37 12.23
CA GLY B 395 2.06 4.37 10.94
C GLY B 395 0.53 4.34 10.96
N GLY B 396 -0.06 3.98 12.11
CA GLY B 396 -1.50 3.85 12.27
C GLY B 396 -1.79 2.82 13.35
N CYS B 397 -3.05 2.40 13.48
CA CYS B 397 -3.44 1.33 14.45
C CYS B 397 -4.72 0.70 13.99
N TYR B 398 -5.08 -0.47 14.50
CA TYR B 398 -4.36 -1.26 15.48
C TYR B 398 -3.18 -1.91 14.82
N THR B 399 -3.37 -2.31 13.56
CA THR B 399 -2.35 -3.10 12.92
C THR B 399 -2.30 -2.85 11.43
N THR B 400 -1.51 -3.68 10.73
CA THR B 400 -1.34 -3.72 9.29
C THR B 400 -2.47 -4.49 8.61
N TYR B 401 -3.04 -3.89 7.59
CA TYR B 401 -4.02 -4.58 6.74
C TYR B 401 -3.41 -4.90 5.39
N PHE B 402 -3.98 -5.92 4.73
CA PHE B 402 -3.54 -6.30 3.39
C PHE B 402 -4.56 -5.95 2.31
N PRO B 403 -4.20 -5.09 1.35
CA PRO B 403 -5.09 -4.82 0.20
C PRO B 403 -5.20 -6.03 -0.73
N PRO B 404 -6.15 -6.01 -1.66
CA PRO B 404 -6.33 -7.12 -2.60
C PRO B 404 -5.11 -7.54 -3.39
N GLY B 405 -4.87 -8.85 -3.37
CA GLY B 405 -3.82 -9.47 -4.15
C GLY B 405 -2.46 -9.51 -3.47
N ILE B 406 -2.32 -8.84 -2.33
CA ILE B 406 -1.03 -8.74 -1.64
C ILE B 406 -0.70 -10.00 -0.78
N LEU B 407 -1.62 -10.44 0.10
CA LEU B 407 -1.36 -11.63 0.94
C LEU B 407 -0.83 -12.88 0.21
N THR B 408 -1.35 -13.21 -0.97
CA THR B 408 -0.88 -14.40 -1.74
C THR B 408 0.42 -14.13 -2.49
N GLN B 409 0.66 -12.89 -2.91
CA GLN B 409 1.87 -12.59 -3.68
C GLN B 409 3.08 -12.38 -2.79
N TYR B 410 2.89 -11.79 -1.62
CA TYR B 410 4.02 -11.43 -0.75
C TYR B 410 3.91 -12.04 0.65
N GLY B 411 2.79 -12.64 1.01
CA GLY B 411 2.55 -13.16 2.35
C GLY B 411 3.62 -14.07 2.95
N ARG B 412 4.14 -14.99 2.15
CA ARG B 412 5.18 -15.89 2.61
C ARG B 412 6.46 -15.16 3.06
N VAL B 413 6.59 -13.87 2.72
CA VAL B 413 7.85 -13.15 2.90
C VAL B 413 7.99 -12.45 4.28
N LEU B 414 6.88 -12.30 4.99
CA LEU B 414 6.86 -11.49 6.23
C LEU B 414 7.81 -11.92 7.32
N ARG B 415 7.92 -13.23 7.54
CA ARG B 415 8.80 -13.69 8.57
C ARG B 415 9.94 -14.57 8.08
N GLN B 416 10.15 -14.56 6.77
CA GLN B 416 11.33 -15.21 6.20
C GLN B 416 12.60 -14.43 6.58
N PRO B 417 13.52 -15.03 7.32
CA PRO B 417 14.74 -14.32 7.74
C PRO B 417 15.50 -13.76 6.53
N VAL B 418 16.10 -12.60 6.69
CA VAL B 418 16.94 -12.05 5.62
C VAL B 418 18.35 -12.08 6.18
N ASP B 419 19.09 -13.12 5.78
CA ASP B 419 20.47 -13.38 6.26
C ASP B 419 20.50 -13.59 7.78
N ARG B 420 20.88 -12.54 8.53
CA ARG B 420 20.94 -12.56 9.98
C ARG B 420 19.89 -11.62 10.61
N ILE B 421 18.98 -11.09 9.80
CA ILE B 421 17.81 -10.36 10.32
C ILE B 421 16.61 -11.31 10.43
N TYR B 422 16.01 -11.35 11.61
CA TYR B 422 14.84 -12.19 11.90
C TYR B 422 13.66 -11.28 12.23
N PHE B 423 12.41 -11.77 12.07
CA PHE B 423 11.28 -10.84 12.13
C PHE B 423 10.26 -11.13 13.20
N ALA B 424 10.10 -10.15 14.09
CA ALA B 424 9.02 -10.22 15.07
C ALA B 424 8.01 -9.09 14.76
N GLY B 425 7.31 -8.62 15.79
CA GLY B 425 6.20 -7.71 15.59
C GLY B 425 4.92 -8.48 15.39
N THR B 426 3.83 -7.97 15.94
CA THR B 426 2.59 -8.72 15.95
C THR B 426 2.10 -9.19 14.55
N GLU B 427 2.41 -8.43 13.51
CA GLU B 427 1.98 -8.78 12.14
C GLU B 427 2.50 -10.16 11.67
N THR B 428 3.61 -10.62 12.23
CA THR B 428 4.12 -11.96 11.95
C THR B 428 3.61 -13.10 12.90
N ALA B 429 2.72 -12.80 13.83
CA ALA B 429 2.15 -13.86 14.66
C ALA B 429 1.16 -14.76 13.93
N THR B 430 0.96 -15.95 14.46
CA THR B 430 -0.07 -16.84 13.90
C THR B 430 -1.33 -17.00 14.79
N HIS B 431 -1.40 -16.34 15.93
CA HIS B 431 -2.55 -16.50 16.84
C HIS B 431 -2.72 -15.12 17.49
N TRP B 432 -3.82 -14.45 17.18
CA TRP B 432 -4.03 -13.09 17.59
C TRP B 432 -3.01 -12.13 17.03
N SER B 433 -2.44 -12.43 15.88
CA SER B 433 -1.65 -11.42 15.18
C SER B 433 -2.51 -10.18 15.10
N GLY B 434 -1.86 -9.02 15.31
CA GLY B 434 -2.54 -7.73 15.31
C GLY B 434 -2.80 -7.24 16.72
N TYR B 435 -2.66 -8.16 17.68
CA TYR B 435 -2.87 -7.91 19.11
C TYR B 435 -1.56 -7.89 19.98
N MET B 436 -1.64 -7.37 21.22
CA MET B 436 -0.54 -7.52 22.19
C MET B 436 -0.18 -9.02 22.35
N GLU B 437 -1.16 -9.91 22.30
CA GLU B 437 -0.87 -11.34 22.36
C GLU B 437 0.04 -11.75 21.20
N GLY B 438 -0.26 -11.33 19.99
CA GLY B 438 0.59 -11.69 18.87
C GLY B 438 1.97 -11.09 18.95
N ALA B 439 2.09 -9.91 19.56
CA ALA B 439 3.38 -9.26 19.69
C ALA B 439 4.33 -10.12 20.57
N VAL B 440 3.75 -10.79 21.57
CA VAL B 440 4.46 -11.68 22.48
C VAL B 440 4.87 -12.99 21.80
N GLU B 441 3.97 -13.56 21.01
CA GLU B 441 4.24 -14.75 20.22
C GLU B 441 5.38 -14.51 19.23
N ALA B 442 5.24 -13.52 18.35
CA ALA B 442 6.22 -13.21 17.34
C ALA B 442 7.55 -12.82 17.95
N GLY B 443 7.52 -12.12 19.09
CA GLY B 443 8.75 -11.80 19.81
C GLY B 443 9.59 -12.99 20.31
N GLU B 444 8.92 -13.88 21.02
CA GLU B 444 9.55 -15.05 21.60
C GLU B 444 9.99 -16.05 20.54
N ARG B 445 9.30 -16.06 19.40
CA ARG B 445 9.60 -17.00 18.36
C ARG B 445 10.78 -16.47 17.52
N ALA B 446 10.86 -15.15 17.33
CA ALA B 446 12.02 -14.62 16.60
C ALA B 446 13.23 -14.80 17.47
N ALA B 447 13.12 -14.50 18.76
CA ALA B 447 14.18 -14.83 19.73
C ALA B 447 14.57 -16.33 19.68
N ARG B 448 13.59 -17.23 19.76
CA ARG B 448 13.91 -18.65 19.68
C ARG B 448 14.50 -19.13 18.35
N GLU B 449 14.36 -18.33 17.26
CA GLU B 449 14.87 -18.69 15.94
C GLU B 449 16.33 -18.39 15.99
N ILE B 450 16.68 -17.33 16.68
CA ILE B 450 18.08 -16.99 16.81
C ILE B 450 18.84 -17.95 17.74
N LEU B 451 18.23 -18.32 18.86
CA LEU B 451 18.80 -19.35 19.72
C LEU B 451 19.07 -20.63 18.93
N HIS B 452 18.16 -21.00 18.05
CA HIS B 452 18.40 -22.13 17.18
C HIS B 452 19.56 -21.90 16.21
N ALA B 453 19.61 -20.76 15.53
CA ALA B 453 20.71 -20.44 14.61
C ALA B 453 22.03 -20.56 15.37
N MET B 454 22.04 -20.06 16.60
CA MET B 454 23.20 -20.22 17.49
C MET B 454 23.49 -21.66 18.01
N GLY B 455 22.63 -22.62 17.71
CA GLY B 455 22.81 -24.00 18.16
C GLY B 455 22.56 -24.22 19.65
N LYS B 456 21.75 -23.35 20.28
CA LYS B 456 21.42 -23.46 21.69
C LYS B 456 20.14 -24.26 21.98
N ILE B 457 19.32 -24.45 20.96
CA ILE B 457 18.06 -25.21 21.10
C ILE B 457 17.71 -25.91 19.79
N PRO B 458 17.02 -27.04 19.87
CA PRO B 458 16.65 -27.80 18.68
C PRO B 458 15.62 -27.07 17.82
N GLU B 459 15.61 -27.34 16.51
CA GLU B 459 14.60 -26.84 15.60
C GLU B 459 13.15 -26.97 16.11
N ASP B 460 12.79 -28.10 16.72
CA ASP B 460 11.40 -28.31 17.21
C ASP B 460 10.99 -27.47 18.43
N GLU B 461 11.91 -26.64 18.91
CA GLU B 461 11.66 -25.77 20.06
C GLU B 461 11.44 -24.29 19.69
N ILE B 462 11.53 -23.95 18.39
CA ILE B 462 11.26 -22.59 17.84
C ILE B 462 9.82 -22.10 18.03
N TRP B 463 8.85 -22.95 17.68
CA TRP B 463 7.44 -22.69 17.94
C TRP B 463 7.05 -23.50 19.18
N GLN B 464 6.66 -22.80 20.23
CA GLN B 464 6.33 -23.41 21.51
C GLN B 464 4.90 -23.11 21.92
N SER B 465 4.17 -24.13 22.35
CA SER B 465 2.77 -23.91 22.75
C SER B 465 2.70 -23.34 24.16
N GLU B 466 1.59 -22.67 24.48
CA GLU B 466 1.36 -21.96 25.75
C GLU B 466 0.26 -22.59 26.64
N PRO B 467 0.54 -22.85 27.90
CA PRO B 467 -0.51 -23.40 28.80
C PRO B 467 -1.62 -22.37 29.14
N GLU B 468 -2.85 -22.85 29.31
CA GLU B 468 -3.99 -21.95 29.51
C GLU B 468 -3.86 -21.20 30.85
N SER B 469 -4.02 -19.86 30.80
CA SER B 469 -4.12 -19.04 32.00
C SER B 469 -5.08 -19.71 33.00
N VAL B 470 -4.71 -19.77 34.27
CA VAL B 470 -5.67 -20.29 35.25
C VAL B 470 -6.61 -19.15 35.70
N ASP B 471 -6.14 -17.91 35.50
CA ASP B 471 -6.86 -16.71 35.92
C ASP B 471 -7.94 -16.26 34.94
N VAL B 472 -7.71 -16.53 33.66
CA VAL B 472 -8.58 -16.12 32.58
C VAL B 472 -8.85 -17.33 31.69
N PRO B 473 -9.59 -18.31 32.20
CA PRO B 473 -9.89 -19.52 31.41
C PRO B 473 -10.90 -19.27 30.27
N ALA B 474 -10.75 -20.02 29.19
CA ALA B 474 -11.67 -19.94 28.04
C ALA B 474 -12.82 -20.97 28.14
N GLN B 475 -14.07 -20.47 28.10
CA GLN B 475 -15.23 -21.29 27.69
C GLN B 475 -15.16 -21.62 26.18
N PRO B 476 -15.63 -22.81 25.80
CA PRO B 476 -15.62 -23.21 24.38
C PRO B 476 -16.70 -22.44 23.60
N ILE B 477 -16.49 -22.22 22.29
CA ILE B 477 -17.47 -21.49 21.45
C ILE B 477 -18.58 -22.44 20.99
N THR B 478 -19.79 -22.20 21.47
CA THR B 478 -20.92 -23.09 21.13
C THR B 478 -21.88 -22.50 20.08
N THR B 479 -22.30 -23.32 19.12
CA THR B 479 -23.48 -23.05 18.25
C THR B 479 -24.70 -23.93 18.61
N THR B 480 -25.90 -23.49 18.24
CA THR B 480 -27.12 -24.31 18.39
C THR B 480 -27.44 -25.10 17.11
N PHE B 481 -28.33 -26.10 17.23
CA PHE B 481 -28.70 -26.92 16.09
C PHE B 481 -29.22 -26.07 14.92
N LEU B 482 -30.13 -25.16 15.25
CA LEU B 482 -30.79 -24.30 14.28
C LEU B 482 -29.78 -23.36 13.57
N GLU B 483 -28.99 -22.63 14.35
CA GLU B 483 -27.87 -21.84 13.85
C GLU B 483 -27.03 -22.58 12.80
N ARG B 484 -26.67 -23.84 13.08
CA ARG B 484 -25.87 -24.65 12.18
C ARG B 484 -26.61 -24.95 10.89
N HIS B 485 -27.91 -25.20 10.97
CA HIS B 485 -28.64 -25.86 9.87
C HIS B 485 -29.71 -25.04 9.16
N LEU B 486 -30.17 -23.96 9.78
CA LEU B 486 -31.05 -23.01 9.10
C LEU B 486 -30.43 -22.51 7.80
N PRO B 487 -31.22 -22.35 6.74
CA PRO B 487 -30.71 -22.01 5.40
C PRO B 487 -30.43 -20.52 5.15
N SER B 488 -29.65 -20.25 4.13
CA SER B 488 -29.42 -18.89 3.69
C SER B 488 -30.68 -18.31 3.04
N VAL B 489 -30.62 -17.03 2.66
CA VAL B 489 -31.71 -16.43 1.91
C VAL B 489 -31.85 -17.10 0.52
N PRO B 490 -30.80 -17.09 -0.33
CA PRO B 490 -30.82 -17.87 -1.57
C PRO B 490 -31.22 -19.35 -1.35
N GLY B 491 -30.93 -19.91 -0.17
CA GLY B 491 -31.22 -21.30 0.16
C GLY B 491 -32.72 -21.52 0.38
N LEU B 492 -33.34 -20.63 1.14
CA LEU B 492 -34.77 -20.67 1.35
C LEU B 492 -35.45 -20.59 -0.01
N LEU B 493 -35.04 -19.59 -0.81
CA LEU B 493 -35.42 -19.37 -2.21
C LEU B 493 -35.40 -20.63 -3.10
N ARG B 494 -34.29 -21.36 -3.08
CA ARG B 494 -34.13 -22.59 -3.86
C ARG B 494 -35.15 -23.64 -3.38
N LEU B 495 -35.32 -23.76 -2.06
CA LEU B 495 -36.32 -24.64 -1.45
C LEU B 495 -37.78 -24.22 -1.79
N ILE B 496 -37.94 -23.00 -2.31
CA ILE B 496 -39.23 -22.53 -2.82
C ILE B 496 -39.30 -22.74 -4.33
#